data_4NL3
#
_entry.id   4NL3
#
_cell.length_a   124.028
_cell.length_b   123.934
_cell.length_c   67.595
_cell.angle_alpha   90.000
_cell.angle_beta   90.060
_cell.angle_gamma   90.000
#
_symmetry.space_group_name_H-M   'C 1 2 1'
#
loop_
_entity.id
_entity.type
_entity.pdbx_description
1 polymer 'Protein hfq'
2 polymer "5'-R(*UP*UP*UP*UP*UP*U)-3'"
3 water water
#
loop_
_entity_poly.entity_id
_entity_poly.type
_entity_poly.pdbx_seq_one_letter_code
_entity_poly.pdbx_strand_id
1 'polypeptide(L)' MKQGGQGLQDYYLNQLRKEKILATVFLTNGFQLRGRVVSFDNFTVLLDVEGKQQLVFKHAISTFSPQKNVALNPDAE D,A,B,C,E,F,J,G,H,I,K,L
2 'polyribonucleotide' UUUUUU R,Z
#
# COMPACT_ATOMS: atom_id res chain seq x y z
N MET A 1 -15.69 -40.35 6.82
CA MET A 1 -15.39 -38.96 7.09
C MET A 1 -13.90 -38.65 7.04
N LYS A 2 -13.59 -37.39 7.29
CA LYS A 2 -12.24 -36.88 7.44
C LYS A 2 -12.37 -35.43 7.84
N GLN A 3 -11.61 -35.03 8.85
CA GLN A 3 -11.78 -33.71 9.43
C GLN A 3 -10.45 -33.06 9.75
N GLY A 4 -9.92 -33.36 10.93
CA GLY A 4 -9.05 -32.41 11.61
C GLY A 4 -9.84 -31.45 12.47
N GLY A 5 -9.24 -30.30 12.79
CA GLY A 5 -9.91 -29.28 13.58
C GLY A 5 -10.45 -28.10 12.80
N GLN A 6 -10.79 -28.32 11.53
CA GLN A 6 -11.48 -27.31 10.72
C GLN A 6 -12.97 -27.60 10.54
N GLY A 7 -13.64 -27.80 11.67
CA GLY A 7 -15.09 -28.00 11.69
C GLY A 7 -15.90 -26.81 11.22
N LEU A 8 -15.68 -25.66 11.85
CA LEU A 8 -16.45 -24.45 11.61
C LEU A 8 -16.40 -23.95 10.17
N GLN A 9 -15.27 -24.10 9.51
CA GLN A 9 -15.09 -23.56 8.17
C GLN A 9 -15.71 -24.41 7.08
N ASP A 10 -15.56 -25.73 7.18
CA ASP A 10 -16.09 -26.63 6.17
C ASP A 10 -17.61 -26.69 6.22
N TYR A 11 -18.16 -26.61 7.42
CA TYR A 11 -19.60 -26.63 7.58
C TYR A 11 -20.20 -25.33 7.02
N TYR A 12 -19.57 -24.20 7.34
CA TYR A 12 -20.07 -22.89 6.94
C TYR A 12 -20.06 -22.70 5.42
N LEU A 13 -18.96 -23.05 4.79
CA LEU A 13 -18.84 -22.89 3.34
C LEU A 13 -19.75 -23.83 2.59
N ASN A 14 -20.05 -24.97 3.20
CA ASN A 14 -20.93 -25.96 2.61
C ASN A 14 -22.38 -25.48 2.60
N GLN A 15 -22.81 -24.95 3.74
CA GLN A 15 -24.16 -24.41 3.85
C GLN A 15 -24.37 -23.25 2.89
N LEU A 16 -23.40 -22.34 2.79
CA LEU A 16 -23.47 -21.26 1.81
C LEU A 16 -23.65 -21.84 0.42
N ARG A 17 -23.06 -22.99 0.18
CA ARG A 17 -23.15 -23.68 -1.09
C ARG A 17 -24.48 -24.38 -1.20
N LYS A 18 -24.88 -25.02 -0.12
CA LYS A 18 -26.13 -25.73 -0.02
C LYS A 18 -27.31 -24.77 -0.03
N GLU A 19 -27.27 -23.77 0.85
CA GLU A 19 -28.35 -22.81 0.98
C GLU A 19 -28.31 -21.71 -0.08
N LYS A 20 -27.33 -21.79 -0.98
CA LYS A 20 -27.15 -20.80 -2.05
C LYS A 20 -27.23 -19.35 -1.57
N ILE A 21 -26.69 -19.10 -0.38
CA ILE A 21 -26.63 -17.76 0.20
C ILE A 21 -25.68 -16.86 -0.58
N LEU A 22 -26.08 -15.61 -0.77
CA LEU A 22 -25.25 -14.62 -1.45
C LEU A 22 -24.31 -14.01 -0.41
N ALA A 23 -23.04 -13.84 -0.78
CA ALA A 23 -22.07 -13.33 0.17
C ALA A 23 -21.11 -12.34 -0.47
N THR A 24 -20.64 -11.39 0.33
CA THR A 24 -19.57 -10.50 -0.10
C THR A 24 -18.26 -11.02 0.42
N VAL A 25 -17.37 -11.39 -0.47
CA VAL A 25 -16.07 -11.88 -0.09
C VAL A 25 -15.01 -10.79 -0.16
N PHE A 26 -14.51 -10.37 0.99
CA PHE A 26 -13.44 -9.39 1.04
C PHE A 26 -12.09 -10.07 0.91
N LEU A 27 -11.31 -9.66 -0.08
CA LEU A 27 -9.97 -10.19 -0.23
C LEU A 27 -9.00 -9.38 0.60
N THR A 28 -7.81 -9.94 0.84
CA THR A 28 -6.80 -9.28 1.65
C THR A 28 -6.29 -8.02 0.95
N ASN A 29 -6.30 -8.06 -0.37
CA ASN A 29 -5.84 -6.92 -1.18
C ASN A 29 -6.89 -5.83 -1.32
N GLY A 30 -7.95 -5.89 -0.52
CA GLY A 30 -8.98 -4.85 -0.51
C GLY A 30 -10.13 -5.06 -1.48
N PHE A 31 -9.90 -5.81 -2.55
CA PHE A 31 -10.95 -6.13 -3.52
C PHE A 31 -12.12 -6.88 -2.89
N GLN A 32 -13.27 -6.81 -3.57
CA GLN A 32 -14.47 -7.48 -3.10
C GLN A 32 -15.11 -8.28 -4.22
N LEU A 33 -15.80 -9.35 -3.86
CA LEU A 33 -16.57 -10.12 -4.81
C LEU A 33 -17.91 -10.45 -4.18
N ARG A 34 -18.99 -10.19 -4.90
CA ARG A 34 -20.30 -10.58 -4.44
C ARG A 34 -20.81 -11.72 -5.31
N GLY A 35 -21.10 -12.85 -4.68
CA GLY A 35 -21.52 -14.01 -5.44
C GLY A 35 -21.90 -15.18 -4.57
N ARG A 36 -22.01 -16.35 -5.18
CA ARG A 36 -22.41 -17.53 -4.44
C ARG A 36 -21.35 -18.61 -4.52
N VAL A 37 -21.20 -19.34 -3.43
CA VAL A 37 -20.22 -20.40 -3.32
C VAL A 37 -20.68 -21.62 -4.12
N VAL A 38 -19.88 -22.01 -5.10
CA VAL A 38 -20.18 -23.19 -5.89
C VAL A 38 -19.54 -24.42 -5.29
N SER A 39 -18.26 -24.30 -4.92
CA SER A 39 -17.52 -25.42 -4.37
C SER A 39 -16.28 -24.94 -3.61
N PHE A 40 -15.66 -25.85 -2.88
CA PHE A 40 -14.46 -25.51 -2.13
C PHE A 40 -13.70 -26.76 -1.71
N ASP A 41 -12.39 -26.66 -1.73
CA ASP A 41 -11.53 -27.68 -1.17
C ASP A 41 -10.60 -26.82 -0.32
N ASN A 42 -9.48 -27.38 0.12
CA ASN A 42 -8.71 -26.93 1.27
C ASN A 42 -8.07 -25.57 1.03
N PHE A 43 -7.82 -25.27 -0.24
CA PHE A 43 -6.99 -24.13 -0.60
C PHE A 43 -7.72 -23.15 -1.50
N THR A 44 -8.79 -23.60 -2.13
CA THR A 44 -9.51 -22.75 -3.07
C THR A 44 -11.01 -22.75 -2.82
N VAL A 45 -11.67 -21.68 -3.25
CA VAL A 45 -13.12 -21.59 -3.25
C VAL A 45 -13.60 -21.16 -4.64
N LEU A 46 -14.47 -21.95 -5.24
CA LEU A 46 -15.04 -21.59 -6.52
C LEU A 46 -16.29 -20.75 -6.31
N LEU A 47 -16.28 -19.55 -6.87
CA LEU A 47 -17.36 -18.59 -6.68
C LEU A 47 -18.16 -18.38 -7.95
N ASP A 48 -19.45 -18.10 -7.78
CA ASP A 48 -20.29 -17.68 -8.90
C ASP A 48 -20.55 -16.19 -8.78
N VAL A 49 -19.79 -15.41 -9.53
CA VAL A 49 -19.95 -13.97 -9.54
C VAL A 49 -20.65 -13.50 -10.80
N GLU A 50 -21.94 -13.19 -10.66
CA GLU A 50 -22.78 -12.74 -11.76
C GLU A 50 -22.69 -13.70 -12.93
N GLY A 51 -22.90 -14.98 -12.67
CA GLY A 51 -22.89 -16.00 -13.70
C GLY A 51 -21.50 -16.50 -14.02
N LYS A 52 -20.49 -15.72 -13.65
CA LYS A 52 -19.11 -16.05 -13.94
C LYS A 52 -18.36 -16.74 -12.81
N GLN A 53 -17.57 -17.73 -13.17
CA GLN A 53 -16.77 -18.49 -12.22
C GLN A 53 -15.53 -17.71 -11.80
N GLN A 54 -15.17 -17.85 -10.53
CA GLN A 54 -14.00 -17.20 -9.96
C GLN A 54 -13.29 -18.16 -9.02
N LEU A 55 -12.11 -18.63 -9.41
CA LEU A 55 -11.34 -19.49 -8.53
C LEU A 55 -10.49 -18.65 -7.60
N VAL A 56 -10.90 -18.59 -6.34
CA VAL A 56 -10.22 -17.79 -5.34
C VAL A 56 -9.48 -18.66 -4.33
N PHE A 57 -8.22 -18.33 -4.09
CA PHE A 57 -7.40 -19.00 -3.10
C PHE A 57 -7.73 -18.50 -1.71
N LYS A 58 -7.87 -19.41 -0.75
CA LYS A 58 -8.28 -19.04 0.60
C LYS A 58 -7.32 -18.06 1.26
N HIS A 59 -6.05 -18.12 0.91
CA HIS A 59 -5.05 -17.24 1.49
C HIS A 59 -5.22 -15.79 1.05
N ALA A 60 -6.04 -15.59 0.03
CA ALA A 60 -6.32 -14.25 -0.48
C ALA A 60 -7.61 -13.73 0.11
N ILE A 61 -8.40 -14.62 0.68
CA ILE A 61 -9.70 -14.30 1.24
C ILE A 61 -9.53 -13.82 2.68
N SER A 62 -10.24 -12.76 3.04
CA SER A 62 -10.18 -12.21 4.39
C SER A 62 -11.42 -12.55 5.20
N THR A 63 -12.58 -12.23 4.66
CA THR A 63 -13.84 -12.40 5.38
C THR A 63 -14.93 -12.86 4.45
N PHE A 64 -15.84 -13.67 4.98
CA PHE A 64 -17.07 -14.03 4.27
C PHE A 64 -18.25 -13.31 4.92
N SER A 65 -18.89 -12.42 4.17
CA SER A 65 -20.03 -11.68 4.68
C SER A 65 -21.28 -12.05 3.91
N PRO A 66 -22.14 -12.87 4.54
CA PRO A 66 -23.33 -13.43 3.92
C PRO A 66 -24.58 -12.59 4.12
N GLN A 67 -25.47 -12.59 3.13
CA GLN A 67 -26.72 -11.87 3.24
C GLN A 67 -27.60 -12.47 4.34
N LYS A 68 -27.58 -13.80 4.45
CA LYS A 68 -28.32 -14.48 5.51
C LYS A 68 -27.37 -15.15 6.48
N ASN A 69 -27.67 -15.03 7.77
CA ASN A 69 -26.87 -15.72 8.78
C ASN A 69 -27.03 -17.22 8.62
N VAL A 70 -25.93 -17.95 8.78
CA VAL A 70 -25.94 -19.40 8.56
C VAL A 70 -26.12 -20.15 9.86
N ALA A 71 -27.02 -21.12 9.85
CA ALA A 71 -27.31 -21.92 11.03
C ALA A 71 -26.13 -22.78 11.48
N LEU A 72 -25.91 -22.78 12.79
CA LEU A 72 -24.77 -23.45 13.43
C LEU A 72 -25.43 -24.49 14.34
N ASN A 73 -24.61 -25.11 15.19
CA ASN A 73 -24.86 -26.37 15.88
C ASN A 73 -24.88 -26.21 17.40
N LYS B 2 -7.06 -30.40 24.40
CA LYS B 2 -6.04 -29.48 23.95
C LYS B 2 -5.12 -30.16 22.95
N GLN B 3 -4.39 -29.36 22.18
CA GLN B 3 -3.54 -29.87 21.11
C GLN B 3 -2.25 -29.04 21.20
N GLY B 4 -1.31 -29.26 20.28
CA GLY B 4 0.09 -29.06 20.57
C GLY B 4 0.44 -27.59 20.51
N GLY B 5 0.72 -27.02 21.68
CA GLY B 5 1.15 -25.64 21.84
C GLY B 5 0.38 -24.52 21.17
N GLN B 6 -0.91 -24.71 20.89
CA GLN B 6 -1.84 -23.58 20.79
C GLN B 6 -2.76 -23.51 22.00
N GLY B 7 -2.18 -23.61 23.19
CA GLY B 7 -2.90 -23.49 24.44
C GLY B 7 -3.46 -22.10 24.64
N LEU B 8 -2.58 -21.12 24.57
CA LEU B 8 -2.91 -19.72 24.82
C LEU B 8 -4.02 -19.20 23.91
N GLN B 9 -4.03 -19.65 22.67
CA GLN B 9 -4.97 -19.15 21.67
C GLN B 9 -6.33 -19.79 21.78
N ASP B 10 -6.35 -21.10 22.05
CA ASP B 10 -7.60 -21.82 22.16
C ASP B 10 -8.34 -21.39 23.42
N TYR B 11 -7.59 -21.09 24.47
CA TYR B 11 -8.18 -20.58 25.71
C TYR B 11 -8.75 -19.18 25.55
N TYR B 12 -7.97 -18.28 24.95
CA TYR B 12 -8.34 -16.88 24.82
C TYR B 12 -9.56 -16.68 23.96
N LEU B 13 -9.58 -17.33 22.81
CA LEU B 13 -10.70 -17.21 21.90
C LEU B 13 -11.94 -17.84 22.50
N ASN B 14 -11.73 -18.81 23.38
CA ASN B 14 -12.81 -19.48 24.08
C ASN B 14 -13.45 -18.59 25.13
N GLN B 15 -12.63 -17.93 25.94
CA GLN B 15 -13.12 -17.04 26.98
C GLN B 15 -13.89 -15.87 26.40
N LEU B 16 -13.36 -15.26 25.34
CA LEU B 16 -14.03 -14.18 24.64
C LEU B 16 -15.42 -14.59 24.17
N ARG B 17 -15.56 -15.85 23.78
CA ARG B 17 -16.81 -16.39 23.31
C ARG B 17 -17.73 -16.75 24.47
N LYS B 18 -17.15 -17.38 25.48
CA LYS B 18 -17.89 -17.80 26.65
C LYS B 18 -18.35 -16.60 27.45
N GLU B 19 -17.40 -15.72 27.76
CA GLU B 19 -17.67 -14.56 28.58
C GLU B 19 -18.29 -13.41 27.79
N LYS B 20 -18.58 -13.67 26.51
CA LYS B 20 -19.18 -12.67 25.62
C LYS B 20 -18.54 -11.29 25.62
N ILE B 21 -17.23 -11.23 25.79
CA ILE B 21 -16.52 -9.97 25.74
C ILE B 21 -16.51 -9.42 24.32
N LEU B 22 -16.72 -8.12 24.19
CA LEU B 22 -16.72 -7.47 22.89
C LEU B 22 -15.29 -7.10 22.52
N ALA B 23 -14.92 -7.30 21.27
CA ALA B 23 -13.56 -7.06 20.83
C ALA B 23 -13.49 -6.39 19.47
N THR B 24 -12.43 -5.62 19.26
CA THR B 24 -12.15 -5.05 17.95
C THR B 24 -11.13 -5.92 17.23
N VAL B 25 -11.52 -6.46 16.10
CA VAL B 25 -10.61 -7.30 15.33
C VAL B 25 -9.93 -6.51 14.23
N PHE B 26 -8.63 -6.30 14.37
CA PHE B 26 -7.85 -5.64 13.34
C PHE B 26 -7.40 -6.63 12.29
N LEU B 27 -7.78 -6.37 11.05
CA LEU B 27 -7.33 -7.21 9.95
C LEU B 27 -6.01 -6.69 9.41
N THR B 28 -5.34 -7.53 8.64
CA THR B 28 -4.04 -7.18 8.09
C THR B 28 -4.16 -6.05 7.07
N ASN B 29 -5.28 -6.01 6.35
CA ASN B 29 -5.49 -4.99 5.33
C ASN B 29 -5.94 -3.66 5.89
N GLY B 30 -5.80 -3.47 7.19
CA GLY B 30 -6.10 -2.21 7.82
C GLY B 30 -7.54 -2.12 8.24
N PHE B 31 -8.39 -2.89 7.58
CA PHE B 31 -9.80 -2.96 7.95
C PHE B 31 -9.95 -3.49 9.36
N GLN B 32 -11.03 -3.11 10.02
CA GLN B 32 -11.30 -3.61 11.36
C GLN B 32 -12.77 -3.96 11.53
N LEU B 33 -13.05 -4.87 12.45
CA LEU B 33 -14.41 -5.27 12.78
C LEU B 33 -14.59 -5.31 14.29
N ARG B 34 -15.66 -4.70 14.77
CA ARG B 34 -15.98 -4.75 16.19
C ARG B 34 -17.18 -5.65 16.43
N GLY B 35 -16.97 -6.70 17.22
CA GLY B 35 -18.02 -7.69 17.45
C GLY B 35 -17.64 -8.77 18.44
N ARG B 36 -18.43 -9.83 18.46
CA ARG B 36 -18.25 -10.93 19.40
C ARG B 36 -18.02 -12.27 18.73
N VAL B 37 -17.19 -13.09 19.38
CA VAL B 37 -16.84 -14.42 18.88
C VAL B 37 -17.99 -15.40 19.06
N VAL B 38 -18.47 -15.97 17.96
CA VAL B 38 -19.51 -16.98 18.00
C VAL B 38 -18.90 -18.37 18.04
N SER B 39 -17.94 -18.61 17.17
CA SER B 39 -17.31 -19.92 17.07
C SER B 39 -15.98 -19.81 16.33
N PHE B 40 -15.17 -20.86 16.40
CA PHE B 40 -13.89 -20.87 15.71
C PHE B 40 -13.32 -22.27 15.61
N ASP B 41 -12.63 -22.52 14.52
CA ASP B 41 -11.88 -23.74 14.36
C ASP B 41 -10.47 -23.25 14.05
N ASN B 42 -9.68 -24.08 13.38
CA ASN B 42 -8.24 -23.88 13.31
C ASN B 42 -7.87 -22.77 12.34
N PHE B 43 -8.76 -22.50 11.38
CA PHE B 43 -8.43 -21.61 10.28
C PHE B 43 -9.36 -20.41 10.20
N THR B 44 -10.52 -20.52 10.85
CA THR B 44 -11.51 -19.45 10.78
C THR B 44 -12.05 -19.04 12.13
N VAL B 45 -12.59 -17.83 12.18
CA VAL B 45 -13.29 -17.30 13.34
C VAL B 45 -14.65 -16.79 12.91
N LEU B 46 -15.71 -17.28 13.53
CA LEU B 46 -17.04 -16.77 13.24
C LEU B 46 -17.35 -15.60 14.17
N LEU B 47 -17.65 -14.45 13.59
CA LEU B 47 -17.86 -13.25 14.37
C LEU B 47 -19.31 -12.79 14.32
N ASP B 48 -19.78 -12.18 15.40
CA ASP B 48 -21.09 -11.52 15.40
C ASP B 48 -20.98 -10.01 15.44
N VAL B 49 -21.16 -9.36 14.30
CA VAL B 49 -21.16 -7.92 14.25
C VAL B 49 -22.58 -7.41 14.10
N GLU B 50 -23.18 -7.01 15.22
CA GLU B 50 -24.55 -6.51 15.26
C GLU B 50 -25.57 -7.40 14.57
N GLY B 51 -25.61 -8.67 14.97
CA GLY B 51 -26.58 -9.59 14.42
C GLY B 51 -26.15 -10.23 13.13
N LYS B 52 -25.15 -9.64 12.49
CA LYS B 52 -24.67 -10.16 11.23
C LYS B 52 -23.45 -11.04 11.44
N GLN B 53 -23.41 -12.17 10.76
CA GLN B 53 -22.30 -13.10 10.84
C GLN B 53 -21.12 -12.66 9.99
N GLN B 54 -19.93 -12.92 10.50
CA GLN B 54 -18.70 -12.58 9.81
C GLN B 54 -17.72 -13.73 9.91
N LEU B 55 -17.51 -14.44 8.81
CA LEU B 55 -16.53 -15.51 8.78
C LEU B 55 -15.16 -14.94 8.41
N VAL B 56 -14.27 -14.86 9.39
CA VAL B 56 -12.95 -14.29 9.17
C VAL B 56 -11.86 -15.35 9.20
N PHE B 57 -11.00 -15.35 8.19
CA PHE B 57 -9.87 -16.26 8.16
C PHE B 57 -8.79 -15.74 9.07
N LYS B 58 -8.20 -16.61 9.87
CA LYS B 58 -7.20 -16.21 10.85
C LYS B 58 -5.99 -15.55 10.22
N HIS B 59 -5.64 -15.94 9.01
CA HIS B 59 -4.47 -15.38 8.35
C HIS B 59 -4.68 -13.92 7.99
N ALA B 60 -5.93 -13.48 8.06
CA ALA B 60 -6.27 -12.10 7.79
C ALA B 60 -6.34 -11.30 9.07
N ILE B 61 -6.40 -12.01 10.19
CA ILE B 61 -6.50 -11.36 11.49
C ILE B 61 -5.12 -10.95 11.95
N SER B 62 -5.03 -9.74 12.48
CA SER B 62 -3.78 -9.20 12.96
C SER B 62 -3.75 -9.18 14.48
N THR B 63 -4.78 -8.59 15.06
CA THR B 63 -4.83 -8.38 16.50
C THR B 63 -6.25 -8.56 17.04
N PHE B 64 -6.37 -9.11 18.24
CA PHE B 64 -7.65 -9.14 18.96
C PHE B 64 -7.60 -8.16 20.13
N SER B 65 -8.43 -7.14 20.09
CA SER B 65 -8.46 -6.16 21.17
C SER B 65 -9.81 -6.17 21.86
N PRO B 66 -9.86 -6.77 23.05
CA PRO B 66 -11.12 -6.95 23.77
C PRO B 66 -11.42 -5.79 24.69
N GLN B 67 -12.70 -5.49 24.86
CA GLN B 67 -13.16 -4.43 25.75
C GLN B 67 -12.80 -4.75 27.20
N LYS B 68 -12.90 -6.02 27.57
CA LYS B 68 -12.52 -6.47 28.90
C LYS B 68 -11.29 -7.37 28.83
N ASN B 69 -10.33 -7.16 29.73
CA ASN B 69 -9.17 -8.02 29.80
C ASN B 69 -9.57 -9.41 30.24
N VAL B 70 -8.92 -10.43 29.67
CA VAL B 70 -9.26 -11.80 29.97
C VAL B 70 -8.34 -12.37 31.03
N ALA B 71 -8.91 -12.98 32.06
CA ALA B 71 -8.13 -13.58 33.13
C ALA B 71 -7.26 -14.63 32.47
N LEU B 72 -6.16 -15.00 33.14
CA LEU B 72 -5.20 -15.92 32.55
C LEU B 72 -5.08 -17.02 33.60
N ASN B 73 -3.97 -17.74 33.55
CA ASN B 73 -3.79 -18.93 34.39
C ASN B 73 -2.36 -19.07 34.91
N LYS C 2 10.08 -30.61 24.48
CA LYS C 2 10.62 -29.52 23.68
C LYS C 2 10.37 -29.86 22.22
N GLN C 3 10.51 -28.87 21.34
CA GLN C 3 10.16 -29.02 19.93
C GLN C 3 11.22 -28.39 19.06
N GLY C 4 11.73 -29.19 18.13
CA GLY C 4 12.92 -28.86 17.39
C GLY C 4 12.75 -27.62 16.55
N GLY C 5 13.85 -26.94 16.30
CA GLY C 5 13.85 -25.78 15.43
C GLY C 5 12.98 -24.62 15.87
N GLN C 6 12.72 -24.49 17.16
CA GLN C 6 12.36 -23.17 17.70
C GLN C 6 12.85 -22.93 19.12
N GLY C 7 14.13 -23.21 19.34
CA GLY C 7 14.79 -22.88 20.58
C GLY C 7 14.88 -21.37 20.69
N LEU C 8 15.44 -20.75 19.66
CA LEU C 8 15.72 -19.32 19.64
C LEU C 8 14.50 -18.45 19.86
N GLN C 9 13.36 -18.84 19.29
CA GLN C 9 12.17 -18.00 19.40
C GLN C 9 11.47 -18.22 20.72
N ASP C 10 11.44 -19.48 21.16
CA ASP C 10 10.80 -19.85 22.40
C ASP C 10 11.61 -19.31 23.57
N TYR C 11 12.93 -19.28 23.40
CA TYR C 11 13.81 -18.68 24.39
C TYR C 11 13.67 -17.16 24.46
N TYR C 12 13.69 -16.52 23.29
CA TYR C 12 13.68 -15.06 23.24
C TYR C 12 12.38 -14.48 23.78
N LEU C 13 11.26 -15.04 23.35
CA LEU C 13 9.96 -14.55 23.77
C LEU C 13 9.75 -14.80 25.25
N ASN C 14 10.37 -15.83 25.77
CA ASN C 14 10.25 -16.17 27.18
C ASN C 14 11.00 -15.15 28.04
N GLN C 15 12.20 -14.80 27.61
CA GLN C 15 13.02 -13.81 28.31
C GLN C 15 12.34 -12.44 28.37
N LEU C 16 11.77 -12.01 27.26
CA LEU C 16 11.01 -10.77 27.22
C LEU C 16 9.87 -10.80 28.23
N ARG C 17 9.30 -11.99 28.41
CA ARG C 17 8.19 -12.19 29.34
C ARG C 17 8.64 -12.29 30.79
N LYS C 18 9.72 -13.01 31.03
CA LYS C 18 10.23 -13.18 32.38
C LYS C 18 10.82 -11.89 32.94
N GLU C 19 11.72 -11.27 32.18
CA GLU C 19 12.40 -10.06 32.61
C GLU C 19 11.55 -8.81 32.43
N LYS C 20 10.30 -8.99 32.03
CA LYS C 20 9.39 -7.88 31.79
C LYS C 20 9.98 -6.79 30.91
N ILE C 21 10.76 -7.19 29.92
CA ILE C 21 11.34 -6.25 28.97
C ILE C 21 10.25 -5.61 28.14
N LEU C 22 10.37 -4.31 27.94
CA LEU C 22 9.44 -3.56 27.13
C LEU C 22 9.89 -3.66 25.69
N ALA C 23 8.97 -3.88 24.76
CA ALA C 23 9.33 -4.06 23.37
C ALA C 23 8.40 -3.37 22.40
N THR C 24 8.94 -2.97 21.25
CA THR C 24 8.13 -2.45 20.16
C THR C 24 7.86 -3.58 19.18
N VAL C 25 6.58 -3.93 19.02
CA VAL C 25 6.19 -4.97 18.11
C VAL C 25 5.77 -4.38 16.79
N PHE C 26 6.58 -4.60 15.76
CA PHE C 26 6.28 -4.14 14.42
C PHE C 26 5.43 -5.14 13.68
N LEU C 27 4.26 -4.71 13.23
CA LEU C 27 3.42 -5.58 12.43
C LEU C 27 3.81 -5.45 10.97
N THR C 28 3.39 -6.42 10.17
CA THR C 28 3.71 -6.43 8.75
C THR C 28 3.03 -5.29 8.01
N ASN C 29 1.85 -4.89 8.47
CA ASN C 29 1.10 -3.84 7.81
C ASN C 29 1.57 -2.44 8.18
N GLY C 30 2.75 -2.35 8.78
CA GLY C 30 3.33 -1.07 9.11
C GLY C 30 2.92 -0.58 10.48
N PHE C 31 1.78 -1.04 10.96
CA PHE C 31 1.35 -0.72 12.32
C PHE C 31 2.34 -1.24 13.33
N GLN C 32 2.39 -0.60 14.49
CA GLN C 32 3.30 -1.04 15.53
C GLN C 32 2.59 -1.01 16.88
N LEU C 33 3.07 -1.83 17.80
CA LEU C 33 2.56 -1.86 19.16
C LEU C 33 3.72 -1.89 20.13
N ARG C 34 3.69 -1.01 21.12
CA ARG C 34 4.71 -1.02 22.15
C ARG C 34 4.10 -1.54 23.44
N GLY C 35 4.65 -2.63 23.97
CA GLY C 35 4.11 -3.25 25.15
C GLY C 35 4.95 -4.41 25.65
N ARG C 36 4.37 -5.21 26.54
CA ARG C 36 5.09 -6.30 27.18
C ARG C 36 4.43 -7.65 26.94
N VAL C 37 5.27 -8.66 26.79
CA VAL C 37 4.81 -10.02 26.55
C VAL C 37 4.24 -10.65 27.81
N VAL C 38 2.97 -11.02 27.76
CA VAL C 38 2.33 -11.72 28.86
C VAL C 38 2.46 -13.21 28.67
N SER C 39 2.14 -13.66 27.46
CA SER C 39 2.18 -15.07 27.13
C SER C 39 2.22 -15.26 25.63
N PHE C 40 2.49 -16.49 25.20
CA PHE C 40 2.57 -16.82 23.78
C PHE C 40 2.50 -18.31 23.57
N ASP C 41 1.89 -18.73 22.48
CA ASP C 41 1.92 -20.12 22.09
C ASP C 41 2.30 -19.99 20.62
N ASN C 42 2.17 -21.08 19.86
CA ASN C 42 2.85 -21.31 18.60
C ASN C 42 2.42 -20.29 17.57
N PHE C 43 1.23 -19.74 17.75
CA PHE C 43 0.59 -18.94 16.72
C PHE C 43 0.24 -17.52 17.18
N THR C 44 0.16 -17.32 18.48
CA THR C 44 -0.24 -16.02 19.02
C THR C 44 0.71 -15.52 20.10
N VAL C 45 0.70 -14.21 20.31
CA VAL C 45 1.42 -13.59 21.41
C VAL C 45 0.47 -12.71 22.19
N LEU C 46 0.33 -12.94 23.49
CA LEU C 46 -0.51 -12.08 24.29
C LEU C 46 0.32 -10.92 24.77
N LEU C 47 -0.10 -9.71 24.44
CA LEU C 47 0.65 -8.52 24.76
C LEU C 47 -0.05 -7.71 25.83
N ASP C 48 0.72 -7.05 26.67
CA ASP C 48 0.16 -6.09 27.62
C ASP C 48 0.53 -4.69 27.18
N VAL C 49 -0.40 -4.01 26.54
CA VAL C 49 -0.16 -2.64 26.13
C VAL C 49 -0.88 -1.67 27.05
N GLU C 50 -0.16 -1.12 28.01
CA GLU C 50 -0.72 -0.18 28.96
C GLU C 50 -1.98 -0.67 29.64
N GLY C 51 -1.94 -1.84 30.25
CA GLY C 51 -3.10 -2.34 30.97
C GLY C 51 -4.10 -3.04 30.10
N LYS C 52 -3.99 -2.82 28.79
CA LYS C 52 -4.90 -3.42 27.84
C LYS C 52 -4.31 -4.70 27.25
N GLN C 53 -5.13 -5.74 27.13
CA GLN C 53 -4.68 -6.97 26.52
C GLN C 53 -4.71 -6.87 25.01
N GLN C 54 -3.73 -7.49 24.36
CA GLN C 54 -3.64 -7.49 22.92
C GLN C 54 -3.22 -8.86 22.42
N LEU C 55 -4.15 -9.60 21.82
CA LEU C 55 -3.83 -10.90 21.24
C LEU C 55 -3.34 -10.74 19.81
N VAL C 56 -2.05 -10.95 19.61
CA VAL C 56 -1.44 -10.76 18.30
C VAL C 56 -1.04 -12.08 17.64
N PHE C 57 -1.45 -12.26 16.40
CA PHE C 57 -1.05 -13.42 15.61
C PHE C 57 0.34 -13.25 15.04
N LYS C 58 1.17 -14.28 15.16
CA LYS C 58 2.56 -14.22 14.74
C LYS C 58 2.75 -13.90 13.26
N HIS C 59 1.81 -14.31 12.43
CA HIS C 59 1.92 -14.07 11.00
C HIS C 59 1.78 -12.59 10.67
N ALA C 60 1.32 -11.81 11.65
CA ALA C 60 1.18 -10.37 11.48
C ALA C 60 2.38 -9.63 12.04
N ILE C 61 3.17 -10.32 12.85
CA ILE C 61 4.33 -9.70 13.47
C ILE C 61 5.51 -9.76 12.53
N SER C 62 6.25 -8.65 12.46
CA SER C 62 7.40 -8.55 11.60
C SER C 62 8.70 -8.61 12.41
N THR C 63 8.80 -7.77 13.42
CA THR C 63 10.04 -7.64 14.17
C THR C 63 9.76 -7.40 15.65
N PHE C 64 10.60 -7.94 16.52
CA PHE C 64 10.58 -7.61 17.94
C PHE C 64 11.76 -6.73 18.29
N SER C 65 11.50 -5.50 18.69
CA SER C 65 12.55 -4.58 19.07
C SER C 65 12.42 -4.21 20.54
N PRO C 66 13.29 -4.79 21.37
CA PRO C 66 13.22 -4.64 22.83
C PRO C 66 14.02 -3.46 23.34
N GLN C 67 13.52 -2.84 24.41
CA GLN C 67 14.21 -1.73 25.03
C GLN C 67 15.53 -2.20 25.61
N LYS C 68 15.52 -3.38 26.19
CA LYS C 68 16.73 -4.00 26.72
C LYS C 68 17.09 -5.25 25.94
N ASN C 69 18.37 -5.41 25.63
CA ASN C 69 18.83 -6.62 24.96
C ASN C 69 18.68 -7.85 25.82
N VAL C 70 18.38 -8.96 25.17
CA VAL C 70 18.11 -10.22 25.82
C VAL C 70 19.38 -11.04 25.91
N ALA C 71 19.65 -11.60 27.08
CA ALA C 71 20.85 -12.38 27.29
C ALA C 71 20.83 -13.61 26.41
N LEU C 72 21.98 -13.90 25.82
CA LEU C 72 22.09 -14.94 24.81
C LEU C 72 22.60 -16.26 25.39
N MET D 1 16.59 -0.54 11.08
CA MET D 1 15.58 -0.54 12.12
C MET D 1 14.31 0.03 11.55
N LYS D 2 14.47 0.87 10.56
CA LYS D 2 13.41 1.65 10.06
C LYS D 2 13.87 2.13 8.72
N GLN D 3 12.94 2.29 7.80
CA GLN D 3 13.32 2.61 6.46
C GLN D 3 12.39 3.11 5.37
N GLY D 4 12.69 2.72 4.17
CA GLY D 4 11.76 2.58 3.09
C GLY D 4 11.89 3.54 1.94
N GLY D 5 13.15 3.92 1.71
CA GLY D 5 13.38 4.91 0.69
C GLY D 5 13.35 6.39 0.87
N GLN D 6 13.06 6.75 2.11
CA GLN D 6 13.12 8.08 2.62
C GLN D 6 14.31 8.03 3.53
N GLY D 7 15.49 8.12 2.96
CA GLY D 7 16.70 7.92 3.73
C GLY D 7 17.23 9.34 3.77
N LEU D 8 17.42 9.91 2.59
CA LEU D 8 17.98 11.25 2.45
C LEU D 8 17.18 12.31 3.18
N GLN D 9 15.87 12.15 3.19
CA GLN D 9 14.98 13.14 3.77
C GLN D 9 14.95 13.03 5.27
N ASP D 10 14.99 11.79 5.76
CA ASP D 10 14.97 11.55 7.19
C ASP D 10 16.28 11.97 7.84
N TYR D 11 17.38 11.78 7.14
CA TYR D 11 18.68 12.19 7.64
C TYR D 11 18.83 13.71 7.68
N TYR D 12 18.42 14.37 6.60
CA TYR D 12 18.55 15.81 6.45
C TYR D 12 17.75 16.55 7.50
N LEU D 13 16.49 16.15 7.65
CA LEU D 13 15.60 16.78 8.60
C LEU D 13 16.06 16.52 10.02
N ASN D 14 16.73 15.38 10.21
CA ASN D 14 17.25 15.01 11.52
C ASN D 14 18.44 15.88 11.88
N GLN D 15 19.34 16.06 10.92
CA GLN D 15 20.51 16.91 11.10
C GLN D 15 20.13 18.36 11.38
N LEU D 16 19.17 18.87 10.64
CA LEU D 16 18.63 20.21 10.88
C LEU D 16 18.10 20.33 12.31
N ARG D 17 17.55 19.25 12.82
CA ARG D 17 17.00 19.19 14.17
C ARG D 17 18.08 19.02 15.22
N LYS D 18 19.02 18.13 14.94
CA LYS D 18 20.12 17.85 15.85
C LYS D 18 21.07 19.02 15.94
N GLU D 19 21.50 19.52 14.80
CA GLU D 19 22.45 20.63 14.76
C GLU D 19 21.78 21.97 15.02
N LYS D 20 20.49 21.93 15.31
CA LYS D 20 19.71 23.14 15.57
C LYS D 20 19.94 24.20 14.52
N ILE D 21 20.13 23.76 13.27
CA ILE D 21 20.31 24.66 12.13
C ILE D 21 19.06 25.44 11.79
N LEU D 22 19.24 26.72 11.47
CA LEU D 22 18.17 27.60 11.07
C LEU D 22 17.89 27.43 9.59
N ALA D 23 16.61 27.40 9.23
CA ALA D 23 16.22 27.19 7.84
C ALA D 23 15.04 28.06 7.46
N THR D 24 14.99 28.43 6.19
CA THR D 24 13.82 29.10 5.66
C THR D 24 12.98 28.06 4.94
N VAL D 25 11.76 27.84 5.41
CA VAL D 25 10.88 26.87 4.78
C VAL D 25 9.95 27.58 3.82
N PHE D 26 10.12 27.33 2.53
CA PHE D 26 9.23 27.90 1.53
C PHE D 26 8.02 27.01 1.36
N LEU D 27 6.83 27.55 1.57
CA LEU D 27 5.62 26.80 1.37
C LEU D 27 5.21 26.91 -0.09
N THR D 28 4.33 26.02 -0.53
CA THR D 28 3.91 26.00 -1.91
C THR D 28 3.11 27.24 -2.29
N ASN D 29 2.34 27.76 -1.34
CA ASN D 29 1.50 28.92 -1.60
C ASN D 29 2.23 30.26 -1.50
N GLY D 30 3.55 30.22 -1.52
CA GLY D 30 4.34 31.43 -1.52
C GLY D 30 4.67 31.94 -0.13
N PHE D 31 3.85 31.56 0.84
CA PHE D 31 4.12 31.90 2.22
C PHE D 31 5.44 31.32 2.67
N GLN D 32 6.06 31.94 3.66
CA GLN D 32 7.35 31.47 4.16
C GLN D 32 7.40 31.42 5.67
N LEU D 33 8.22 30.53 6.19
CA LEU D 33 8.47 30.46 7.61
C LEU D 33 9.96 30.34 7.82
N ARG D 34 10.51 31.18 8.69
CA ARG D 34 11.90 31.06 9.05
C ARG D 34 11.95 30.51 10.46
N GLY D 35 12.57 29.36 10.63
CA GLY D 35 12.61 28.72 11.94
C GLY D 35 13.43 27.46 11.99
N ARG D 36 13.26 26.72 13.07
CA ARG D 36 14.08 25.53 13.31
C ARG D 36 13.22 24.28 13.50
N VAL D 37 13.76 23.16 13.01
CA VAL D 37 13.07 21.88 13.10
C VAL D 37 13.06 21.33 14.51
N VAL D 38 11.88 21.13 15.07
CA VAL D 38 11.74 20.55 16.39
C VAL D 38 11.60 19.04 16.29
N SER D 39 10.69 18.61 15.42
CA SER D 39 10.43 17.19 15.23
C SER D 39 9.68 16.98 13.92
N PHE D 40 9.59 15.74 13.49
CA PHE D 40 8.92 15.41 12.25
C PHE D 40 8.57 13.93 12.13
N ASP D 41 7.43 13.65 11.53
CA ASP D 41 7.07 12.28 11.19
C ASP D 41 6.73 12.38 9.71
N ASN D 42 5.95 11.42 9.22
CA ASN D 42 5.83 11.10 7.80
C ASN D 42 5.12 12.17 7.01
N PHE D 43 4.25 12.92 7.68
CA PHE D 43 3.35 13.81 6.98
C PHE D 43 3.46 15.26 7.46
N THR D 44 4.03 15.46 8.64
CA THR D 44 4.12 16.79 9.21
C THR D 44 5.52 17.13 9.70
N VAL D 45 5.80 18.43 9.78
CA VAL D 45 7.04 18.92 10.36
C VAL D 45 6.74 19.98 11.41
N LEU D 46 7.23 19.77 12.62
CA LEU D 46 7.06 20.76 13.67
C LEU D 46 8.21 21.76 13.69
N LEU D 47 7.86 23.03 13.56
CA LEU D 47 8.85 24.09 13.52
C LEU D 47 8.82 24.95 14.76
N ASP D 48 9.98 25.49 15.10
CA ASP D 48 10.09 26.50 16.12
C ASP D 48 10.33 27.82 15.42
N VAL D 49 9.28 28.62 15.29
CA VAL D 49 9.44 29.92 14.67
C VAL D 49 9.47 30.96 15.76
N GLU D 50 10.68 31.32 16.17
CA GLU D 50 10.91 32.32 17.20
C GLU D 50 10.06 32.08 18.44
N GLY D 51 10.18 30.89 19.01
CA GLY D 51 9.49 30.53 20.23
C GLY D 51 8.08 30.00 20.01
N LYS D 52 7.53 30.26 18.84
CA LYS D 52 6.17 29.84 18.55
C LYS D 52 6.20 28.53 17.76
N GLN D 53 5.36 27.57 18.12
CA GLN D 53 5.30 26.29 17.42
C GLN D 53 4.50 26.38 16.14
N GLN D 54 4.94 25.64 15.13
CA GLN D 54 4.30 25.63 13.82
C GLN D 54 4.23 24.22 13.25
N LEU D 55 3.03 23.65 13.21
CA LEU D 55 2.85 22.34 12.58
C LEU D 55 2.59 22.49 11.09
N VAL D 56 3.57 22.12 10.28
CA VAL D 56 3.49 22.26 8.84
C VAL D 56 3.36 20.90 8.16
N PHE D 57 2.40 20.78 7.26
CA PHE D 57 2.22 19.58 6.46
C PHE D 57 3.21 19.51 5.32
N LYS D 58 3.82 18.35 5.12
CA LYS D 58 4.86 18.20 4.11
C LYS D 58 4.36 18.51 2.71
N HIS D 59 3.08 18.24 2.45
CA HIS D 59 2.52 18.50 1.13
C HIS D 59 2.39 20.00 0.87
N ALA D 60 2.55 20.79 1.92
CA ALA D 60 2.51 22.23 1.81
C ALA D 60 3.91 22.79 1.69
N ILE D 61 4.89 21.97 2.03
CA ILE D 61 6.29 22.37 1.99
C ILE D 61 6.82 22.20 0.59
N SER D 62 7.58 23.19 0.14
CA SER D 62 8.15 23.18 -1.20
C SER D 62 9.65 22.91 -1.15
N THR D 63 10.35 23.71 -0.35
CA THR D 63 11.78 23.66 -0.30
C THR D 63 12.26 23.92 1.12
N PHE D 64 13.34 23.27 1.52
CA PHE D 64 14.01 23.60 2.78
C PHE D 64 15.30 24.34 2.46
N SER D 65 15.37 25.59 2.87
CA SER D 65 16.55 26.38 2.62
C SER D 65 17.20 26.72 3.94
N PRO D 66 18.30 26.02 4.26
CA PRO D 66 18.96 26.15 5.54
C PRO D 66 20.04 27.22 5.52
N GLN D 67 20.24 27.89 6.64
CA GLN D 67 21.27 28.90 6.78
C GLN D 67 22.64 28.29 6.64
N LYS D 68 22.80 27.10 7.21
CA LYS D 68 24.04 26.34 7.13
C LYS D 68 23.85 25.05 6.33
N ASN D 69 24.81 24.74 5.48
CA ASN D 69 24.78 23.49 4.75
C ASN D 69 24.91 22.29 5.66
N VAL D 70 24.22 21.21 5.29
CA VAL D 70 24.18 20.00 6.09
C VAL D 70 25.26 19.06 5.59
N ALA D 71 25.99 18.46 6.53
CA ALA D 71 27.10 17.59 6.20
C ALA D 71 26.67 16.41 5.36
N LEU D 72 27.50 16.08 4.37
CA LEU D 72 27.18 15.11 3.34
C LEU D 72 27.72 13.74 3.73
N ASN D 73 27.30 12.73 3.01
CA ASN D 73 27.70 11.36 3.26
C ASN D 73 27.61 10.66 1.89
N PRO D 74 28.49 9.67 1.63
CA PRO D 74 28.42 9.05 0.30
C PRO D 74 27.14 8.25 0.07
N LYS E 2 -15.52 -1.11 8.80
CA LYS E 2 -14.55 -1.69 7.89
C LYS E 2 -13.18 -1.06 8.11
N GLN E 3 -12.91 0.02 7.38
CA GLN E 3 -11.60 0.64 7.41
C GLN E 3 -11.71 2.11 7.00
N GLY E 4 -11.45 3.02 7.93
CA GLY E 4 -11.04 2.70 9.29
C GLY E 4 -10.29 3.86 9.89
N GLY E 5 -9.19 4.25 9.24
CA GLY E 5 -8.49 5.43 9.65
C GLY E 5 -9.32 6.64 9.29
N GLN E 6 -10.59 6.40 8.98
CA GLN E 6 -11.45 7.37 8.33
C GLN E 6 -12.87 7.25 8.86
N GLY E 7 -12.99 7.10 10.16
CA GLY E 7 -14.27 7.11 10.84
C GLY E 7 -14.93 8.47 10.74
N LEU E 8 -14.19 9.48 11.16
CA LEU E 8 -14.69 10.86 11.24
C LEU E 8 -15.24 11.36 9.91
N GLN E 9 -14.59 11.01 8.82
CA GLN E 9 -14.97 11.52 7.51
C GLN E 9 -16.15 10.75 6.97
N ASP E 10 -16.14 9.45 7.20
CA ASP E 10 -17.18 8.56 6.73
C ASP E 10 -18.46 8.81 7.49
N TYR E 11 -18.33 9.12 8.77
CA TYR E 11 -19.48 9.48 9.59
C TYR E 11 -20.08 10.82 9.19
N TYR E 12 -19.21 11.82 9.01
CA TYR E 12 -19.66 13.17 8.71
C TYR E 12 -20.38 13.30 7.38
N LEU E 13 -19.79 12.74 6.33
CA LEU E 13 -20.38 12.84 5.00
C LEU E 13 -21.69 12.06 4.93
N ASN E 14 -21.81 11.03 5.75
CA ASN E 14 -23.01 10.21 5.78
C ASN E 14 -24.15 10.97 6.43
N GLN E 15 -23.88 11.62 7.56
CA GLN E 15 -24.87 12.43 8.25
C GLN E 15 -25.36 13.58 7.38
N LEU E 16 -24.43 14.24 6.72
CA LEU E 16 -24.77 15.29 5.76
C LEU E 16 -25.69 14.74 4.67
N ARG E 17 -25.46 13.48 4.33
CA ARG E 17 -26.25 12.80 3.31
C ARG E 17 -27.59 12.29 3.82
N LYS E 18 -27.56 11.70 5.01
CA LYS E 18 -28.79 11.16 5.59
C LYS E 18 -29.76 12.25 5.99
N GLU E 19 -29.29 13.24 6.75
CA GLU E 19 -30.17 14.29 7.22
C GLU E 19 -30.44 15.33 6.15
N LYS E 20 -29.94 15.07 4.95
CA LYS E 20 -30.12 15.92 3.78
C LYS E 20 -29.87 17.39 4.07
N ILE E 21 -28.94 17.66 4.98
CA ILE E 21 -28.54 19.01 5.32
C ILE E 21 -27.74 19.66 4.18
N LEU E 22 -27.98 20.95 3.99
CA LEU E 22 -27.32 21.74 2.96
C LEU E 22 -25.95 22.19 3.42
N ALA E 23 -24.97 22.13 2.52
CA ALA E 23 -23.60 22.46 2.84
C ALA E 23 -22.94 23.26 1.73
N THR E 24 -21.99 24.12 2.11
CA THR E 24 -21.16 24.81 1.15
C THR E 24 -19.82 24.11 0.99
N VAL E 25 -19.52 23.65 -0.21
CA VAL E 25 -18.26 22.98 -0.50
C VAL E 25 -17.23 23.92 -1.12
N PHE E 26 -16.18 24.23 -0.38
CA PHE E 26 -15.09 25.05 -0.90
C PHE E 26 -14.06 24.20 -1.63
N LEU E 27 -13.81 24.53 -2.89
CA LEU E 27 -12.78 23.85 -3.65
C LEU E 27 -11.44 24.53 -3.39
N THR E 28 -10.37 23.83 -3.73
CA THR E 28 -9.03 24.33 -3.50
C THR E 28 -8.73 25.55 -4.36
N ASN E 29 -9.31 25.59 -5.56
CA ASN E 29 -9.09 26.70 -6.47
C ASN E 29 -9.95 27.91 -6.14
N GLY E 30 -10.53 27.93 -4.95
CA GLY E 30 -11.31 29.06 -4.51
C GLY E 30 -12.78 29.01 -4.85
N PHE E 31 -13.11 28.23 -5.88
CA PHE E 31 -14.50 28.03 -6.30
C PHE E 31 -15.36 27.46 -5.19
N GLN E 32 -16.66 27.67 -5.29
CA GLN E 32 -17.60 27.18 -4.27
C GLN E 32 -18.79 26.46 -4.88
N LEU E 33 -19.34 25.52 -4.12
CA LEU E 33 -20.56 24.84 -4.52
C LEU E 33 -21.50 24.72 -3.33
N ARG E 34 -22.75 25.12 -3.51
CA ARG E 34 -23.76 24.92 -2.47
C ARG E 34 -24.71 23.85 -2.93
N GLY E 35 -24.80 22.79 -2.15
CA GLY E 35 -25.65 21.68 -2.53
C GLY E 35 -25.70 20.62 -1.46
N ARG E 36 -26.20 19.45 -1.83
CA ARG E 36 -26.38 18.37 -0.88
C ARG E 36 -25.62 17.13 -1.29
N VAL E 37 -25.12 16.41 -0.29
CA VAL E 37 -24.38 15.19 -0.50
C VAL E 37 -25.36 14.08 -0.88
N VAL E 38 -25.19 13.53 -2.07
CA VAL E 38 -26.02 12.41 -2.51
C VAL E 38 -25.33 11.10 -2.17
N SER E 39 -24.05 11.02 -2.49
CA SER E 39 -23.26 9.82 -2.26
C SER E 39 -21.77 10.13 -2.28
N PHE E 40 -20.97 9.17 -1.85
CA PHE E 40 -19.51 9.32 -1.81
C PHE E 40 -18.80 7.99 -1.65
N ASP E 41 -17.66 7.87 -2.30
CA ASP E 41 -16.77 6.73 -2.12
C ASP E 41 -15.47 7.35 -1.67
N ASN E 42 -14.35 6.69 -1.95
CA ASN E 42 -13.08 7.03 -1.33
C ASN E 42 -12.49 8.28 -1.96
N PHE E 43 -12.86 8.52 -3.21
CA PHE E 43 -12.22 9.55 -4.00
C PHE E 43 -13.16 10.62 -4.53
N THR E 44 -14.46 10.33 -4.52
CA THR E 44 -15.43 11.28 -5.07
C THR E 44 -16.60 11.56 -4.15
N VAL E 45 -17.21 12.72 -4.37
CA VAL E 45 -18.46 13.09 -3.70
C VAL E 45 -19.45 13.50 -4.77
N LEU E 46 -20.60 12.85 -4.82
CA LEU E 46 -21.64 13.24 -5.76
C LEU E 46 -22.51 14.28 -5.10
N LEU E 47 -22.61 15.45 -5.72
CA LEU E 47 -23.32 16.57 -5.13
C LEU E 47 -24.61 16.91 -5.86
N ASP E 48 -25.59 17.40 -5.13
CA ASP E 48 -26.81 17.93 -5.74
C ASP E 48 -26.84 19.44 -5.66
N VAL E 49 -26.51 20.10 -6.76
CA VAL E 49 -26.57 21.55 -6.80
C VAL E 49 -27.81 21.96 -7.57
N GLU E 50 -28.87 22.29 -6.82
CA GLU E 50 -30.14 22.68 -7.41
C GLU E 50 -30.65 21.71 -8.46
N GLY E 51 -30.78 20.45 -8.09
CA GLY E 51 -31.33 19.46 -8.99
C GLY E 51 -30.31 18.86 -9.93
N LYS E 52 -29.18 19.54 -10.06
CA LYS E 52 -28.12 19.11 -10.96
C LYS E 52 -27.03 18.34 -10.22
N GLN E 53 -26.55 17.28 -10.83
CA GLN E 53 -25.49 16.46 -10.26
C GLN E 53 -24.12 17.09 -10.46
N GLN E 54 -23.27 16.92 -9.45
CA GLN E 54 -21.90 17.42 -9.50
C GLN E 54 -20.98 16.37 -8.91
N LEU E 55 -20.17 15.73 -9.77
CA LEU E 55 -19.21 14.76 -9.29
C LEU E 55 -17.91 15.45 -8.90
N VAL E 56 -17.65 15.52 -7.60
CA VAL E 56 -16.49 16.24 -7.10
C VAL E 56 -15.43 15.31 -6.54
N PHE E 57 -14.19 15.50 -6.97
CA PHE E 57 -13.05 14.76 -6.45
C PHE E 57 -12.57 15.32 -5.12
N LYS E 58 -12.31 14.45 -4.16
CA LYS E 58 -11.93 14.86 -2.82
C LYS E 58 -10.65 15.68 -2.79
N HIS E 59 -9.74 15.42 -3.72
CA HIS E 59 -8.48 16.13 -3.75
C HIS E 59 -8.66 17.59 -4.13
N ALA E 60 -9.83 17.91 -4.66
CA ALA E 60 -10.14 19.27 -5.05
C ALA E 60 -10.92 19.99 -3.97
N ILE E 61 -11.46 19.23 -3.04
CA ILE E 61 -12.26 19.79 -1.96
C ILE E 61 -11.36 20.25 -0.85
N SER E 62 -11.66 21.42 -0.30
CA SER E 62 -10.88 22.00 0.77
C SER E 62 -11.63 21.90 2.10
N THR E 63 -12.88 22.35 2.09
CA THR E 63 -13.65 22.45 3.32
C THR E 63 -15.11 22.10 3.08
N PHE E 64 -15.75 21.47 4.07
CA PHE E 64 -17.20 21.28 4.08
C PHE E 64 -17.83 22.16 5.14
N SER E 65 -18.65 23.12 4.70
CA SER E 65 -19.30 24.04 5.63
C SER E 65 -20.81 23.84 5.60
N PRO E 66 -21.34 23.20 6.63
CA PRO E 66 -22.76 22.84 6.71
C PRO E 66 -23.61 23.90 7.38
N GLN E 67 -24.85 24.03 6.94
CA GLN E 67 -25.78 24.96 7.56
C GLN E 67 -26.11 24.53 8.98
N LYS E 68 -26.21 23.23 9.20
CA LYS E 68 -26.47 22.71 10.53
C LYS E 68 -25.26 21.92 11.05
N ASN E 69 -24.94 22.12 12.32
CA ASN E 69 -23.88 21.36 12.94
C ASN E 69 -24.27 19.90 12.98
N VAL E 70 -23.31 19.00 12.76
CA VAL E 70 -23.60 17.58 12.70
C VAL E 70 -23.40 16.93 14.05
N ALA E 71 -24.40 16.16 14.48
CA ALA E 71 -24.31 15.50 15.77
C ALA E 71 -23.21 14.46 15.79
N LEU E 72 -22.43 14.49 16.87
CA LEU E 72 -21.25 13.65 17.01
C LEU E 72 -21.53 12.75 18.21
N ASN E 73 -20.49 12.08 18.68
CA ASN E 73 -20.58 10.93 19.58
C ASN E 73 -19.74 11.12 20.83
N MET F 1 -3.82 0.38 21.69
CA MET F 1 -2.72 0.86 20.86
C MET F 1 -2.70 0.22 19.49
N LYS F 2 -2.48 1.06 18.48
CA LYS F 2 -2.35 0.69 17.07
C LYS F 2 -1.94 2.02 16.46
N GLN F 3 -0.87 2.02 15.65
CA GLN F 3 -0.29 3.27 15.14
C GLN F 3 0.34 2.99 13.79
N GLY F 4 1.01 3.99 13.22
CA GLY F 4 1.70 3.81 11.96
C GLY F 4 2.63 4.92 12.36
N GLY F 5 3.43 5.42 11.49
CA GLY F 5 4.47 6.40 11.79
C GLY F 5 4.19 7.82 11.34
N GLN F 6 2.93 8.23 11.58
CA GLN F 6 2.43 9.57 11.89
C GLN F 6 2.50 10.14 13.31
N GLY F 7 3.31 9.53 14.15
CA GLY F 7 3.31 9.77 15.59
C GLY F 7 3.14 11.23 15.95
N LEU F 8 4.00 12.07 15.40
CA LEU F 8 4.03 13.49 15.73
C LEU F 8 2.72 14.25 15.47
N GLN F 9 2.05 13.95 14.37
CA GLN F 9 0.85 14.69 14.00
C GLN F 9 -0.39 14.18 14.73
N ASP F 10 -0.47 12.88 14.92
CA ASP F 10 -1.63 12.30 15.60
C ASP F 10 -1.64 12.72 17.05
N TYR F 11 -0.45 12.81 17.64
CA TYR F 11 -0.31 13.27 19.00
C TYR F 11 -0.63 14.77 19.11
N TYR F 12 -0.08 15.55 18.19
CA TYR F 12 -0.23 17.01 18.20
C TYR F 12 -1.67 17.43 18.02
N LEU F 13 -2.34 16.87 17.03
CA LEU F 13 -3.73 17.23 16.76
C LEU F 13 -4.64 16.80 17.89
N ASN F 14 -4.26 15.73 18.57
CA ASN F 14 -5.04 15.21 19.68
C ASN F 14 -4.90 16.11 20.89
N GLN F 15 -3.68 16.53 21.17
CA GLN F 15 -3.41 17.43 22.28
C GLN F 15 -4.12 18.76 22.09
N LEU F 16 -4.07 19.30 20.88
CA LEU F 16 -4.81 20.51 20.52
C LEU F 16 -6.29 20.32 20.79
N ARG F 17 -6.76 19.09 20.60
CA ARG F 17 -8.15 18.74 20.80
C ARG F 17 -8.48 18.56 22.27
N LYS F 18 -7.61 17.87 23.00
CA LYS F 18 -7.83 17.63 24.42
C LYS F 18 -7.73 18.89 25.26
N GLU F 19 -6.65 19.65 25.10
CA GLU F 19 -6.47 20.86 25.90
C GLU F 19 -7.23 22.06 25.36
N LYS F 20 -8.07 21.83 24.35
CA LYS F 20 -8.91 22.87 23.76
C LYS F 20 -8.15 24.13 23.40
N ILE F 21 -6.92 23.95 22.94
CA ILE F 21 -6.09 25.06 22.47
C ILE F 21 -6.66 25.65 21.18
N LEU F 22 -6.65 26.96 21.09
CA LEU F 22 -7.13 27.64 19.90
C LEU F 22 -6.00 27.70 18.89
N ALA F 23 -6.31 27.46 17.62
CA ALA F 23 -5.29 27.44 16.59
C ALA F 23 -5.76 28.14 15.33
N THR F 24 -4.81 28.74 14.60
CA THR F 24 -5.11 29.30 13.30
C THR F 24 -4.69 28.31 12.22
N VAL F 25 -5.65 27.86 11.43
CA VAL F 25 -5.38 26.92 10.36
C VAL F 25 -5.23 27.62 9.02
N PHE F 26 -4.01 27.65 8.50
CA PHE F 26 -3.77 28.21 7.18
C PHE F 26 -4.00 27.14 6.13
N LEU F 27 -4.92 27.40 5.20
CA LEU F 27 -5.14 26.46 4.11
C LEU F 27 -4.17 26.74 2.98
N THR F 28 -4.04 25.79 2.07
CA THR F 28 -3.11 25.89 0.96
C THR F 28 -3.49 27.01 -0.01
N ASN F 29 -4.78 27.26 -0.16
CA ASN F 29 -5.25 28.28 -1.08
C ASN F 29 -5.17 29.70 -0.52
N GLY F 30 -4.44 29.87 0.57
CA GLY F 30 -4.24 31.18 1.15
C GLY F 30 -5.31 31.55 2.15
N PHE F 31 -6.49 30.96 2.01
CA PHE F 31 -7.55 31.15 2.98
C PHE F 31 -7.12 30.62 4.35
N GLN F 32 -7.72 31.16 5.40
CA GLN F 32 -7.40 30.70 6.74
C GLN F 32 -8.63 30.54 7.63
N LEU F 33 -8.54 29.67 8.62
CA LEU F 33 -9.61 29.45 9.58
C LEU F 33 -9.09 29.43 11.01
N ARG F 34 -9.76 30.16 11.87
CA ARG F 34 -9.44 30.20 13.30
C ARG F 34 -10.47 29.46 14.12
N GLY F 35 -10.03 28.44 14.86
CA GLY F 35 -10.93 27.62 15.63
C GLY F 35 -10.25 26.57 16.46
N ARG F 36 -11.03 25.61 16.94
CA ARG F 36 -10.52 24.56 17.80
C ARG F 36 -10.75 23.19 17.19
N VAL F 37 -9.82 22.28 17.44
CA VAL F 37 -9.90 20.93 16.92
C VAL F 37 -10.95 20.12 17.66
N VAL F 38 -11.96 19.65 16.93
CA VAL F 38 -13.00 18.81 17.50
C VAL F 38 -12.66 17.34 17.37
N SER F 39 -12.26 16.94 16.17
CA SER F 39 -11.93 15.55 15.88
C SER F 39 -11.11 15.45 14.59
N PHE F 40 -10.54 14.28 14.35
CA PHE F 40 -9.74 14.03 13.15
C PHE F 40 -9.51 12.55 12.90
N ASP F 41 -9.48 12.19 11.63
CA ASP F 41 -9.10 10.85 11.20
C ASP F 41 -7.95 11.12 10.23
N ASN F 42 -7.71 10.23 9.29
CA ASN F 42 -6.46 10.24 8.52
C ASN F 42 -6.49 11.35 7.49
N PHE F 43 -7.69 11.72 7.07
CA PHE F 43 -7.85 12.57 5.91
C PHE F 43 -8.59 13.88 6.17
N THR F 44 -9.32 13.96 7.27
CA THR F 44 -10.08 15.17 7.56
C THR F 44 -9.85 15.66 8.98
N VAL F 45 -10.09 16.95 9.18
CA VAL F 45 -10.06 17.54 10.51
C VAL F 45 -11.35 18.32 10.74
N LEU F 46 -12.06 17.99 11.81
CA LEU F 46 -13.26 18.72 12.16
C LEU F 46 -12.92 19.92 13.03
N LEU F 47 -13.30 21.10 12.57
CA LEU F 47 -12.97 22.32 13.27
C LEU F 47 -14.18 22.97 13.89
N ASP F 48 -13.98 23.64 15.02
CA ASP F 48 -15.02 24.45 15.62
C ASP F 48 -14.65 25.92 15.42
N VAL F 49 -15.25 26.54 14.41
CA VAL F 49 -15.01 27.94 14.14
C VAL F 49 -16.17 28.81 14.60
N GLU F 50 -16.00 29.41 15.77
CA GLU F 50 -17.02 30.27 16.36
C GLU F 50 -18.36 29.59 16.42
N GLY F 51 -18.40 28.39 17.01
CA GLY F 51 -19.65 27.67 17.17
C GLY F 51 -20.08 26.87 15.96
N LYS F 52 -19.49 27.21 14.81
CA LYS F 52 -19.84 26.57 13.55
C LYS F 52 -18.86 25.46 13.22
N GLN F 53 -19.38 24.32 12.75
CA GLN F 53 -18.52 23.19 12.39
C GLN F 53 -17.87 23.41 11.03
N GLN F 54 -16.62 22.97 10.91
CA GLN F 54 -15.88 23.09 9.68
C GLN F 54 -15.10 21.81 9.41
N LEU F 55 -15.53 21.02 8.43
CA LEU F 55 -14.78 19.81 8.06
C LEU F 55 -13.73 20.12 7.00
N VAL F 56 -12.47 20.09 7.39
CA VAL F 56 -11.38 20.43 6.50
C VAL F 56 -10.55 19.20 6.10
N PHE F 57 -10.31 19.05 4.80
CA PHE F 57 -9.45 17.98 4.31
C PHE F 57 -7.99 18.32 4.54
N LYS F 58 -7.23 17.36 5.06
CA LYS F 58 -5.83 17.58 5.41
C LYS F 58 -4.98 18.02 4.22
N HIS F 59 -5.34 17.55 3.03
CA HIS F 59 -4.60 17.89 1.82
C HIS F 59 -4.77 19.34 1.45
N ALA F 60 -5.73 20.00 2.09
CA ALA F 60 -5.98 21.41 1.89
C ALA F 60 -5.31 22.27 2.95
N ILE F 61 -4.91 21.65 4.05
CA ILE F 61 -4.29 22.34 5.17
C ILE F 61 -2.80 22.50 4.93
N SER F 62 -2.27 23.68 5.24
CA SER F 62 -0.87 23.97 5.06
C SER F 62 -0.11 23.99 6.38
N THR F 63 -0.62 24.76 7.34
CA THR F 63 0.06 24.99 8.60
C THR F 63 -0.93 25.06 9.76
N PHE F 64 -0.52 24.54 10.92
CA PHE F 64 -1.27 24.72 12.17
C PHE F 64 -0.55 25.68 13.11
N SER F 65 -1.17 26.82 13.40
CA SER F 65 -0.59 27.81 14.29
C SER F 65 -1.42 27.97 15.55
N PRO F 66 -0.92 27.42 16.67
CA PRO F 66 -1.65 27.39 17.94
C PRO F 66 -1.39 28.60 18.81
N GLN F 67 -2.40 29.00 19.57
CA GLN F 67 -2.25 30.13 20.49
C GLN F 67 -1.24 29.81 21.57
N LYS F 68 -1.31 28.58 22.08
CA LYS F 68 -0.36 28.12 23.08
C LYS F 68 0.47 26.96 22.53
N ASN F 69 1.77 26.97 22.83
CA ASN F 69 2.64 25.87 22.43
C ASN F 69 2.24 24.57 23.10
N VAL F 70 2.38 23.47 22.36
CA VAL F 70 1.94 22.16 22.81
C VAL F 70 3.04 21.33 23.45
N ALA F 71 2.69 20.71 24.58
CA ALA F 71 3.61 19.86 25.32
C ALA F 71 4.04 18.69 24.46
N LEU F 72 5.29 18.28 24.58
CA LEU F 72 5.89 17.31 23.69
C LEU F 72 5.88 15.96 24.36
N ASN F 73 6.60 14.98 23.81
CA ASN F 73 6.58 13.65 24.38
C ASN F 73 7.87 13.01 24.87
N PRO F 74 7.77 12.27 25.99
CA PRO F 74 8.85 11.48 26.62
C PRO F 74 9.07 10.13 25.95
N ASP F 75 9.21 10.09 24.63
CA ASP F 75 9.37 8.83 23.93
C ASP F 75 10.68 8.12 24.32
N MET G 1 21.93 -35.38 13.54
CA MET G 1 21.55 -34.24 12.72
C MET G 1 20.05 -34.18 12.51
N LYS G 2 19.61 -33.23 11.71
CA LYS G 2 18.21 -33.04 11.32
C LYS G 2 18.15 -31.96 10.27
N GLN G 3 17.47 -32.24 9.17
CA GLN G 3 17.51 -31.33 8.03
C GLN G 3 16.14 -31.14 7.41
N GLY G 4 15.70 -32.11 6.64
CA GLY G 4 14.70 -31.84 5.62
C GLY G 4 15.33 -31.41 4.31
N GLY G 5 14.57 -30.72 3.45
CA GLY G 5 15.12 -30.20 2.22
C GLY G 5 15.54 -28.74 2.28
N GLN G 6 15.84 -28.24 3.47
CA GLN G 6 16.29 -26.86 3.66
C GLN G 6 17.79 -26.73 3.93
N GLY G 7 18.59 -27.33 3.06
CA GLY G 7 20.03 -27.24 3.13
C GLY G 7 20.59 -25.85 2.90
N LEU G 8 20.22 -25.25 1.77
CA LEU G 8 20.75 -23.96 1.32
C LEU G 8 20.58 -22.80 2.30
N GLN G 9 19.46 -22.75 3.01
CA GLN G 9 19.18 -21.63 3.90
C GLN G 9 19.89 -21.75 5.25
N ASP G 10 19.94 -22.98 5.77
CA ASP G 10 20.56 -23.23 7.05
C ASP G 10 22.06 -23.07 6.99
N TYR G 11 22.63 -23.46 5.86
CA TYR G 11 24.05 -23.31 5.63
C TYR G 11 24.40 -21.83 5.48
N TYR G 12 23.60 -21.11 4.70
CA TYR G 12 23.85 -19.70 4.40
C TYR G 12 23.72 -18.79 5.62
N LEU G 13 22.65 -18.94 6.38
CA LEU G 13 22.41 -18.11 7.54
C LEU G 13 23.44 -18.36 8.64
N ASN G 14 23.97 -19.57 8.66
CA ASN G 14 24.98 -19.94 9.63
C ASN G 14 26.31 -19.27 9.32
N GLN G 15 26.69 -19.32 8.04
CA GLN G 15 27.93 -18.71 7.58
C GLN G 15 27.94 -17.20 7.83
N LEU G 16 26.83 -16.54 7.52
CA LEU G 16 26.68 -15.12 7.82
C LEU G 16 26.87 -14.85 9.29
N ARG G 17 26.43 -15.81 10.10
CA ARG G 17 26.54 -15.71 11.55
C ARG G 17 27.95 -16.03 11.99
N LYS G 18 28.51 -17.06 11.37
CA LYS G 18 29.88 -17.50 11.65
C LYS G 18 30.90 -16.48 11.18
N GLU G 19 30.79 -16.06 9.92
CA GLU G 19 31.74 -15.12 9.35
C GLU G 19 31.45 -13.68 9.77
N LYS G 20 30.44 -13.49 10.62
CA LYS G 20 30.06 -12.17 11.11
C LYS G 20 29.92 -11.14 10.00
N ILE G 21 29.43 -11.59 8.85
CA ILE G 21 29.17 -10.74 7.69
C ILE G 21 28.02 -9.76 7.90
N LEU G 22 28.20 -8.54 7.41
CA LEU G 22 27.18 -7.52 7.48
C LEU G 22 26.26 -7.71 6.28
N ALA G 23 24.95 -7.60 6.50
CA ALA G 23 23.99 -7.83 5.43
C ALA G 23 22.86 -6.81 5.49
N THR G 24 22.28 -6.51 4.33
CA THR G 24 21.09 -5.68 4.29
C THR G 24 19.87 -6.58 4.22
N VAL G 25 19.05 -6.52 5.25
CA VAL G 25 17.83 -7.33 5.28
C VAL G 25 16.60 -6.54 4.85
N PHE G 26 16.08 -6.88 3.69
CA PHE G 26 14.84 -6.28 3.19
C PHE G 26 13.64 -7.04 3.70
N LEU G 27 12.74 -6.36 4.39
CA LEU G 27 11.52 -6.99 4.85
C LEU G 27 10.45 -6.90 3.78
N THR G 28 9.40 -7.70 3.94
CA THR G 28 8.32 -7.74 2.97
C THR G 28 7.59 -6.41 2.93
N ASN G 29 7.56 -5.72 4.07
CA ASN G 29 6.88 -4.44 4.17
C ASN G 29 7.70 -3.26 3.66
N GLY G 30 8.79 -3.56 2.95
CA GLY G 30 9.59 -2.53 2.32
C GLY G 30 10.68 -1.96 3.20
N PHE G 31 10.47 -2.02 4.52
CA PHE G 31 11.49 -1.61 5.48
C PHE G 31 12.74 -2.44 5.33
N GLN G 32 13.88 -1.89 5.72
CA GLN G 32 15.13 -2.63 5.63
C GLN G 32 15.97 -2.49 6.90
N LEU G 33 16.82 -3.49 7.14
CA LEU G 33 17.72 -3.49 8.28
C LEU G 33 19.12 -3.88 7.86
N ARG G 34 20.10 -3.11 8.29
CA ARG G 34 21.50 -3.47 8.05
C ARG G 34 22.15 -3.93 9.34
N GLY G 35 22.64 -5.16 9.35
CA GLY G 35 23.23 -5.71 10.56
C GLY G 35 23.81 -7.09 10.40
N ARG G 36 24.10 -7.73 11.53
CA ARG G 36 24.73 -9.04 11.53
C ARG G 36 23.87 -10.08 12.23
N VAL G 37 23.92 -11.30 11.71
CA VAL G 37 23.17 -12.42 12.23
C VAL G 37 23.77 -12.97 13.52
N VAL G 38 22.98 -12.95 14.59
CA VAL G 38 23.39 -13.51 15.86
C VAL G 38 22.97 -14.97 15.99
N SER G 39 21.72 -15.25 15.66
CA SER G 39 21.19 -16.60 15.75
C SER G 39 19.92 -16.76 14.93
N PHE G 40 19.48 -18.00 14.75
CA PHE G 40 18.27 -18.28 13.99
C PHE G 40 17.74 -19.67 14.27
N ASP G 41 16.43 -19.81 14.29
CA ASP G 41 15.78 -21.09 14.35
C ASP G 41 14.93 -21.17 13.09
N ASN G 42 13.88 -21.97 13.10
CA ASN G 42 13.07 -22.14 11.90
C ASN G 42 12.20 -20.98 11.45
N PHE G 43 11.82 -20.14 12.40
CA PHE G 43 10.79 -19.14 12.17
C PHE G 43 11.28 -17.72 12.42
N THR G 44 12.39 -17.59 13.14
CA THR G 44 12.91 -16.27 13.47
C THR G 44 14.40 -16.14 13.18
N VAL G 45 14.84 -14.90 13.00
CA VAL G 45 16.26 -14.59 12.89
C VAL G 45 16.60 -13.47 13.86
N LEU G 46 17.57 -13.71 14.74
CA LEU G 46 18.02 -12.66 15.65
C LEU G 46 19.10 -11.84 14.99
N LEU G 47 18.86 -10.55 14.88
CA LEU G 47 19.77 -9.66 14.20
C LEU G 47 20.46 -8.69 15.15
N ASP G 48 21.69 -8.33 14.82
CA ASP G 48 22.39 -7.27 15.54
C ASP G 48 22.48 -6.03 14.66
N VAL G 49 21.60 -5.07 14.91
CA VAL G 49 21.61 -3.81 14.18
C VAL G 49 22.20 -2.69 15.03
N GLU G 50 23.47 -2.37 14.76
CA GLU G 50 24.19 -1.33 15.49
C GLU G 50 24.12 -1.57 16.98
N GLY G 51 24.51 -2.77 17.40
CA GLY G 51 24.56 -3.11 18.80
C GLY G 51 23.23 -3.56 19.38
N LYS G 52 22.14 -3.25 18.69
CA LYS G 52 20.80 -3.58 19.16
C LYS G 52 20.24 -4.86 18.53
N GLN G 53 19.59 -5.66 19.37
CA GLN G 53 18.97 -6.89 18.92
C GLN G 53 17.64 -6.64 18.24
N GLN G 54 17.37 -7.42 17.20
CA GLN G 54 16.13 -7.35 16.46
C GLN G 54 15.65 -8.75 16.14
N LEU G 55 14.58 -9.19 16.79
CA LEU G 55 14.04 -10.50 16.48
C LEU G 55 13.08 -10.39 15.31
N VAL G 56 13.50 -10.88 14.16
CA VAL G 56 12.72 -10.78 12.94
C VAL G 56 12.17 -12.14 12.53
N PHE G 57 10.87 -12.19 12.23
CA PHE G 57 10.24 -13.40 11.75
C PHE G 57 10.55 -13.60 10.29
N LYS G 58 10.89 -14.82 9.91
CA LYS G 58 11.30 -15.11 8.54
C LYS G 58 10.21 -14.77 7.53
N HIS G 59 8.95 -14.88 7.94
CA HIS G 59 7.83 -14.59 7.04
C HIS G 59 7.74 -13.12 6.73
N ALA G 60 8.48 -12.31 7.48
CA ALA G 60 8.53 -10.88 7.26
C ALA G 60 9.74 -10.53 6.41
N ILE G 61 10.69 -11.46 6.34
CA ILE G 61 11.91 -11.26 5.59
C ILE G 61 11.72 -11.62 4.13
N SER G 62 12.27 -10.78 3.26
CA SER G 62 12.15 -10.97 1.83
C SER G 62 13.45 -11.47 1.21
N THR G 63 14.54 -10.74 1.47
CA THR G 63 15.83 -11.03 0.86
C THR G 63 16.98 -10.80 1.82
N PHE G 64 18.03 -11.60 1.71
CA PHE G 64 19.28 -11.35 2.43
C PHE G 64 20.35 -10.87 1.46
N SER G 65 20.80 -9.64 1.64
CA SER G 65 21.83 -9.06 0.78
C SER G 65 23.11 -8.79 1.56
N PRO G 66 24.11 -9.66 1.36
CA PRO G 66 25.36 -9.62 2.12
C PRO G 66 26.47 -8.77 1.51
N GLN G 67 27.27 -8.14 2.36
CA GLN G 67 28.40 -7.36 1.88
C GLN G 67 29.44 -8.27 1.24
N LYS G 68 29.63 -9.45 1.83
CA LYS G 68 30.53 -10.45 1.26
C LYS G 68 29.74 -11.65 0.80
N ASN G 69 30.09 -12.17 -0.38
CA ASN G 69 29.48 -13.38 -0.88
C ASN G 69 29.85 -14.57 0.01
N VAL G 70 28.91 -15.47 0.22
CA VAL G 70 29.12 -16.60 1.11
C VAL G 70 29.54 -17.83 0.34
N ALA G 71 30.59 -18.50 0.83
CA ALA G 71 31.11 -19.68 0.17
C ALA G 71 30.14 -20.85 0.18
N LEU G 72 30.00 -21.50 -0.96
CA LEU G 72 29.06 -22.59 -1.16
C LEU G 72 29.89 -23.82 -1.49
N ASN G 73 29.22 -24.87 -1.95
CA ASN G 73 29.73 -26.24 -2.02
C ASN G 73 29.61 -26.80 -3.43
N MET H 1 13.29 -40.01 -4.14
CA MET H 1 14.22 -39.05 -4.73
C MET H 1 13.43 -37.76 -4.91
N LYS H 2 12.50 -37.79 -5.87
CA LYS H 2 11.56 -36.70 -6.07
C LYS H 2 10.64 -36.65 -4.84
N GLN H 3 9.91 -35.57 -4.66
CA GLN H 3 9.05 -35.43 -3.49
C GLN H 3 7.71 -34.86 -3.94
N GLY H 4 6.64 -35.35 -3.31
CA GLY H 4 5.33 -35.42 -3.95
C GLY H 4 4.79 -34.08 -4.40
N GLY H 5 4.65 -33.95 -5.71
CA GLY H 5 4.04 -32.77 -6.32
C GLY H 5 4.68 -31.39 -6.19
N GLN H 6 5.98 -31.31 -5.94
CA GLN H 6 6.74 -30.14 -6.40
C GLN H 6 7.75 -30.52 -7.47
N GLY H 7 7.30 -31.29 -8.46
CA GLY H 7 8.12 -31.64 -9.61
C GLY H 7 8.41 -30.43 -10.47
N LEU H 8 7.34 -29.76 -10.87
CA LEU H 8 7.38 -28.63 -11.79
C LEU H 8 8.26 -27.50 -11.28
N GLN H 9 8.25 -27.27 -9.98
CA GLN H 9 8.99 -26.14 -9.43
C GLN H 9 10.45 -26.44 -9.27
N ASP H 10 10.77 -27.64 -8.84
CA ASP H 10 12.16 -28.04 -8.66
C ASP H 10 12.84 -28.19 -10.00
N TYR H 11 12.10 -28.66 -10.99
CA TYR H 11 12.61 -28.78 -12.34
C TYR H 11 12.89 -27.43 -12.98
N TYR H 12 11.93 -26.52 -12.86
CA TYR H 12 12.03 -25.21 -13.50
C TYR H 12 13.18 -24.42 -12.92
N LEU H 13 13.27 -24.42 -11.60
CA LEU H 13 14.33 -23.70 -10.90
C LEU H 13 15.68 -24.35 -11.17
N ASN H 14 15.67 -25.64 -11.47
CA ASN H 14 16.90 -26.35 -11.76
C ASN H 14 17.48 -25.98 -13.12
N GLN H 15 16.63 -25.96 -14.13
CA GLN H 15 17.05 -25.61 -15.49
C GLN H 15 17.59 -24.19 -15.59
N LEU H 16 16.89 -23.25 -14.96
CA LEU H 16 17.32 -21.86 -14.90
C LEU H 16 18.73 -21.75 -14.34
N ARG H 17 19.05 -22.64 -13.40
CA ARG H 17 20.36 -22.67 -12.78
C ARG H 17 21.35 -23.37 -13.71
N LYS H 18 20.91 -24.47 -14.29
CA LYS H 18 21.74 -25.26 -15.18
C LYS H 18 22.01 -24.52 -16.49
N GLU H 19 20.94 -24.04 -17.12
CA GLU H 19 21.06 -23.36 -18.40
C GLU H 19 21.51 -21.91 -18.29
N LYS H 20 21.85 -21.47 -17.08
CA LYS H 20 22.28 -20.10 -16.84
C LYS H 20 21.35 -19.06 -17.46
N ILE H 21 20.06 -19.37 -17.50
CA ILE H 21 19.08 -18.43 -18.02
C ILE H 21 18.91 -17.23 -17.09
N LEU H 22 18.86 -16.04 -17.68
CA LEU H 22 18.68 -14.83 -16.90
C LEU H 22 17.19 -14.62 -16.68
N ALA H 23 16.82 -14.24 -15.47
CA ALA H 23 15.41 -14.08 -15.13
C ALA H 23 15.17 -12.84 -14.28
N THR H 24 13.98 -12.28 -14.41
CA THR H 24 13.54 -11.21 -13.53
C THR H 24 12.69 -11.81 -12.43
N VAL H 25 13.13 -11.65 -11.19
CA VAL H 25 12.38 -12.17 -10.06
C VAL H 25 11.53 -11.04 -9.49
N PHE H 26 10.22 -11.16 -9.66
CA PHE H 26 9.29 -10.18 -9.11
C PHE H 26 8.93 -10.52 -7.67
N LEU H 27 9.20 -9.59 -6.77
CA LEU H 27 8.82 -9.78 -5.39
C LEU H 27 7.40 -9.29 -5.18
N THR H 28 6.79 -9.72 -4.08
CA THR H 28 5.43 -9.35 -3.75
C THR H 28 5.31 -7.87 -3.44
N ASN H 29 6.37 -7.30 -2.87
CA ASN H 29 6.37 -5.89 -2.49
C ASN H 29 6.63 -4.95 -3.66
N GLY H 30 6.51 -5.47 -4.87
CA GLY H 30 6.64 -4.67 -6.07
C GLY H 30 8.06 -4.55 -6.57
N PHE H 31 9.00 -4.67 -5.63
CA PHE H 31 10.42 -4.68 -5.96
C PHE H 31 10.77 -5.83 -6.88
N GLN H 32 11.84 -5.67 -7.65
CA GLN H 32 12.27 -6.72 -8.55
C GLN H 32 13.80 -6.92 -8.56
N LEU H 33 14.23 -8.12 -8.92
CA LEU H 33 15.63 -8.46 -9.03
C LEU H 33 15.89 -9.17 -10.35
N ARG H 34 16.90 -8.71 -11.09
CA ARG H 34 17.30 -9.37 -12.31
C ARG H 34 18.65 -10.06 -12.11
N GLY H 35 18.68 -11.38 -12.30
CA GLY H 35 19.88 -12.14 -12.06
C GLY H 35 19.72 -13.61 -12.40
N ARG H 36 20.66 -14.42 -11.95
CA ARG H 36 20.67 -15.85 -12.25
C ARG H 36 20.59 -16.73 -11.02
N VAL H 37 19.92 -17.86 -11.17
CA VAL H 37 19.72 -18.82 -10.09
C VAL H 37 21.00 -19.58 -9.79
N VAL H 38 21.49 -19.44 -8.56
CA VAL H 38 22.68 -20.15 -8.12
C VAL H 38 22.31 -21.47 -7.47
N SER H 39 21.33 -21.42 -6.56
CA SER H 39 20.91 -22.60 -5.83
C SER H 39 19.55 -22.37 -5.18
N PHE H 40 18.94 -23.43 -4.67
CA PHE H 40 17.65 -23.33 -4.01
C PHE H 40 17.33 -24.56 -3.19
N ASP H 41 16.66 -24.35 -2.06
CA ASP H 41 16.13 -25.44 -1.27
C ASP H 41 14.61 -25.23 -1.24
N ASN H 42 13.97 -25.57 -0.12
CA ASN H 42 12.52 -25.60 -0.07
C ASN H 42 11.94 -24.22 0.21
N PHE H 43 12.72 -23.37 0.84
CA PHE H 43 12.19 -22.11 1.34
C PHE H 43 12.93 -20.89 0.79
N THR H 44 14.13 -21.10 0.27
CA THR H 44 14.93 -19.98 -0.24
C THR H 44 15.48 -20.24 -1.62
N VAL H 45 15.78 -19.15 -2.33
CA VAL H 45 16.46 -19.18 -3.61
C VAL H 45 17.64 -18.23 -3.58
N LEU H 46 18.83 -18.74 -3.89
CA LEU H 46 20.02 -17.91 -3.97
C LEU H 46 20.20 -17.35 -5.38
N LEU H 47 20.28 -16.04 -5.48
CA LEU H 47 20.41 -15.37 -6.77
C LEU H 47 21.77 -14.73 -6.96
N ASP H 48 22.22 -14.70 -8.20
CA ASP H 48 23.42 -13.95 -8.56
C ASP H 48 23.03 -12.71 -9.33
N VAL H 49 23.04 -11.57 -8.65
CA VAL H 49 22.75 -10.32 -9.32
C VAL H 49 24.03 -9.54 -9.57
N GLU H 50 24.54 -9.66 -10.79
CA GLU H 50 25.79 -9.00 -11.19
C GLU H 50 26.93 -9.24 -10.22
N GLY H 51 27.23 -10.51 -9.95
CA GLY H 51 28.32 -10.85 -9.07
C GLY H 51 27.94 -10.87 -7.62
N LYS H 52 26.82 -10.24 -7.29
CA LYS H 52 26.37 -10.17 -5.91
C LYS H 52 25.33 -11.23 -5.61
N GLN H 53 25.48 -11.87 -4.45
CA GLN H 53 24.56 -12.90 -4.00
C GLN H 53 23.30 -12.29 -3.40
N GLN H 54 22.17 -12.95 -3.65
CA GLN H 54 20.90 -12.49 -3.11
C GLN H 54 20.11 -13.68 -2.61
N LEU H 55 20.00 -13.82 -1.30
CA LEU H 55 19.19 -14.89 -0.73
C LEU H 55 17.75 -14.43 -0.57
N VAL H 56 16.87 -14.95 -1.42
CA VAL H 56 15.47 -14.58 -1.43
C VAL H 56 14.56 -15.69 -0.92
N PHE H 57 13.67 -15.32 0.00
CA PHE H 57 12.71 -16.27 0.53
C PHE H 57 11.56 -16.48 -0.45
N LYS H 58 11.19 -17.74 -0.66
CA LYS H 58 10.16 -18.06 -1.64
C LYS H 58 8.81 -17.41 -1.36
N HIS H 59 8.51 -17.18 -0.08
CA HIS H 59 7.25 -16.57 0.28
C HIS H 59 7.17 -15.11 -0.13
N ALA H 60 8.33 -14.56 -0.48
CA ALA H 60 8.44 -13.18 -0.92
C ALA H 60 8.42 -13.09 -2.43
N ILE H 61 8.64 -14.22 -3.08
CA ILE H 61 8.72 -14.27 -4.53
C ILE H 61 7.32 -14.36 -5.08
N SER H 62 7.05 -13.60 -6.13
CA SER H 62 5.74 -13.59 -6.76
C SER H 62 5.78 -14.33 -8.07
N THR H 63 6.72 -13.95 -8.92
CA THR H 63 6.80 -14.47 -10.27
C THR H 63 8.25 -14.67 -10.71
N PHE H 64 8.49 -15.71 -11.49
CA PHE H 64 9.77 -15.88 -12.17
C PHE H 64 9.61 -15.62 -13.65
N SER H 65 10.27 -14.58 -14.15
CA SER H 65 10.18 -14.25 -15.55
C SER H 65 11.53 -14.41 -16.23
N PRO H 66 11.70 -15.50 -16.99
CA PRO H 66 12.97 -15.86 -17.60
C PRO H 66 13.13 -15.27 -18.99
N GLN H 67 14.35 -14.91 -19.34
CA GLN H 67 14.66 -14.37 -20.65
C GLN H 67 14.48 -15.43 -21.74
N LYS H 68 14.84 -16.66 -21.43
CA LYS H 68 14.63 -17.78 -22.34
C LYS H 68 13.60 -18.75 -21.79
N ASN H 69 12.69 -19.20 -22.64
CA ASN H 69 11.70 -20.20 -22.22
C ASN H 69 12.36 -21.53 -21.89
N VAL H 70 11.85 -22.19 -20.85
CA VAL H 70 12.43 -23.45 -20.42
C VAL H 70 11.67 -24.62 -21.01
N ALA H 71 12.39 -25.55 -21.61
CA ALA H 71 11.79 -26.74 -22.22
C ALA H 71 11.16 -27.63 -21.17
N LEU H 72 9.98 -28.15 -21.48
CA LEU H 72 9.22 -28.93 -20.51
C LEU H 72 9.25 -30.38 -20.96
N ASN H 73 8.47 -31.22 -20.28
CA ASN H 73 8.45 -32.64 -20.59
C ASN H 73 7.15 -33.25 -21.08
N LYS I 2 -4.19 -39.67 -5.51
CA LYS I 2 -5.04 -38.51 -5.25
C LYS I 2 -4.68 -37.98 -3.86
N GLN I 3 -5.07 -36.75 -3.56
CA GLN I 3 -4.69 -36.11 -2.31
C GLN I 3 -5.88 -35.37 -1.73
N GLY I 4 -6.17 -35.66 -0.48
CA GLY I 4 -7.33 -35.15 0.20
C GLY I 4 -7.51 -33.65 0.14
N GLY I 5 -8.70 -33.25 -0.28
CA GLY I 5 -9.14 -31.88 -0.34
C GLY I 5 -8.34 -30.90 -1.18
N GLN I 6 -7.61 -31.37 -2.17
CA GLN I 6 -7.35 -30.53 -3.33
C GLN I 6 -8.01 -31.11 -4.57
N GLY I 7 -9.26 -31.53 -4.43
CA GLY I 7 -10.06 -31.99 -5.55
C GLY I 7 -10.38 -30.86 -6.50
N LEU I 8 -11.01 -29.84 -5.94
CA LEU I 8 -11.52 -28.69 -6.67
C LEU I 8 -10.44 -27.91 -7.42
N GLN I 9 -9.28 -27.77 -6.81
CA GLN I 9 -8.23 -26.95 -7.40
C GLN I 9 -7.45 -27.69 -8.46
N ASP I 10 -7.18 -28.96 -8.21
CA ASP I 10 -6.43 -29.79 -9.15
C ASP I 10 -7.27 -30.06 -10.39
N TYR I 11 -8.58 -30.20 -10.21
CA TYR I 11 -9.47 -30.34 -11.34
C TYR I 11 -9.57 -29.05 -12.14
N TYR I 12 -9.76 -27.93 -11.44
CA TYR I 12 -9.95 -26.65 -12.09
C TYR I 12 -8.73 -26.18 -12.88
N LEU I 13 -7.57 -26.25 -12.26
CA LEU I 13 -6.34 -25.81 -12.93
C LEU I 13 -5.97 -26.70 -14.11
N ASN I 14 -6.34 -27.97 -14.03
CA ASN I 14 -6.05 -28.90 -15.09
C ASN I 14 -6.94 -28.65 -16.30
N GLN I 15 -8.21 -28.43 -16.06
CA GLN I 15 -9.17 -28.12 -17.12
C GLN I 15 -8.78 -26.84 -17.86
N LEU I 16 -8.38 -25.82 -17.12
CA LEU I 16 -7.87 -24.60 -17.74
C LEU I 16 -6.70 -24.90 -18.65
N ARG I 17 -5.91 -25.88 -18.27
CA ARG I 17 -4.73 -26.26 -19.03
C ARG I 17 -5.08 -27.11 -20.24
N LYS I 18 -5.96 -28.09 -20.05
CA LYS I 18 -6.36 -28.98 -21.13
C LYS I 18 -7.19 -28.27 -22.18
N GLU I 19 -8.24 -27.58 -21.76
CA GLU I 19 -9.11 -26.89 -22.70
C GLU I 19 -8.53 -25.56 -23.17
N LYS I 20 -7.30 -25.28 -22.76
CA LYS I 20 -6.61 -24.03 -23.12
C LYS I 20 -7.46 -22.79 -22.90
N ILE I 21 -8.24 -22.79 -21.81
CA ILE I 21 -9.05 -21.65 -21.47
C ILE I 21 -8.15 -20.47 -21.10
N LEU I 22 -8.52 -19.29 -21.57
CA LEU I 22 -7.75 -18.09 -21.29
C LEU I 22 -8.20 -17.55 -19.95
N ALA I 23 -7.26 -17.11 -19.13
CA ALA I 23 -7.60 -16.63 -17.80
C ALA I 23 -6.80 -15.40 -17.40
N THR I 24 -7.43 -14.56 -16.59
CA THR I 24 -6.72 -13.45 -15.97
C THR I 24 -6.34 -13.85 -14.57
N VAL I 25 -5.04 -13.89 -14.28
CA VAL I 25 -4.59 -14.27 -12.96
C VAL I 25 -4.31 -13.02 -12.13
N PHE I 26 -5.13 -12.80 -11.12
CA PHE I 26 -4.91 -11.70 -10.20
C PHE I 26 -3.94 -12.06 -9.10
N LEU I 27 -2.86 -11.31 -8.99
CA LEU I 27 -1.93 -11.52 -7.90
C LEU I 27 -2.39 -10.74 -6.68
N THR I 28 -1.84 -11.09 -5.53
CA THR I 28 -2.21 -10.44 -4.29
C THR I 28 -1.77 -8.99 -4.23
N ASN I 29 -0.67 -8.67 -4.90
CA ASN I 29 -0.15 -7.30 -4.91
C ASN I 29 -0.84 -6.38 -5.89
N GLY I 30 -1.99 -6.81 -6.41
CA GLY I 30 -2.78 -5.98 -7.30
C GLY I 30 -2.42 -6.17 -8.76
N PHE I 31 -1.18 -6.58 -9.01
CA PHE I 31 -0.73 -6.90 -10.36
C PHE I 31 -1.55 -8.04 -10.94
N GLN I 32 -1.63 -8.10 -12.26
CA GLN I 32 -2.36 -9.17 -12.91
C GLN I 32 -1.61 -9.73 -14.11
N LEU I 33 -1.89 -10.97 -14.46
CA LEU I 33 -1.35 -11.60 -15.65
C LEU I 33 -2.47 -12.30 -16.39
N ARG I 34 -2.56 -12.06 -17.68
CA ARG I 34 -3.52 -12.75 -18.52
C ARG I 34 -2.82 -13.76 -19.41
N GLY I 35 -3.19 -15.02 -19.28
CA GLY I 35 -2.54 -16.07 -20.04
C GLY I 35 -3.15 -17.43 -19.83
N ARG I 36 -2.42 -18.46 -20.26
CA ARG I 36 -2.92 -19.82 -20.20
C ARG I 36 -2.02 -20.71 -19.35
N VAL I 37 -2.65 -21.65 -18.66
CA VAL I 37 -1.95 -22.58 -17.79
C VAL I 37 -1.21 -23.62 -18.61
N VAL I 38 0.10 -23.66 -18.44
CA VAL I 38 0.94 -24.65 -19.09
C VAL I 38 1.08 -25.86 -18.18
N SER I 39 1.38 -25.60 -16.91
CA SER I 39 1.56 -26.65 -15.92
C SER I 39 1.45 -26.07 -14.53
N PHE I 40 1.36 -26.95 -13.53
CA PHE I 40 1.23 -26.55 -12.14
C PHE I 40 1.55 -27.71 -11.23
N ASP I 41 2.18 -27.43 -10.11
CA ASP I 41 2.37 -28.43 -9.09
C ASP I 41 1.73 -27.83 -7.84
N ASN I 42 2.21 -28.23 -6.66
CA ASN I 42 1.52 -27.93 -5.42
C ASN I 42 1.74 -26.48 -5.05
N PHE I 43 2.83 -25.90 -5.53
CA PHE I 43 3.26 -24.59 -5.08
C PHE I 43 3.38 -23.56 -6.20
N THR I 44 3.46 -24.01 -7.44
CA THR I 44 3.62 -23.09 -8.56
C THR I 44 2.66 -23.38 -9.70
N VAL I 45 2.40 -22.35 -10.51
CA VAL I 45 1.64 -22.50 -11.74
C VAL I 45 2.45 -21.90 -12.88
N LEU I 46 2.73 -22.69 -13.91
CA LEU I 46 3.45 -22.16 -15.06
C LEU I 46 2.50 -21.59 -16.10
N LEU I 47 2.67 -20.33 -16.43
CA LEU I 47 1.79 -19.63 -17.36
C LEU I 47 2.45 -19.32 -18.68
N ASP I 48 1.63 -19.31 -19.73
CA ASP I 48 2.07 -18.86 -21.04
C ASP I 48 1.48 -17.50 -21.36
N VAL I 49 2.27 -16.47 -21.19
CA VAL I 49 1.84 -15.12 -21.52
C VAL I 49 2.46 -14.70 -22.84
N GLU I 50 1.69 -14.84 -23.91
CA GLU I 50 2.15 -14.47 -25.24
C GLU I 50 3.51 -15.05 -25.60
N GLY I 51 3.63 -16.36 -25.49
CA GLY I 51 4.86 -17.03 -25.87
C GLY I 51 5.90 -17.03 -24.78
N LYS I 52 5.74 -16.14 -23.81
CA LYS I 52 6.70 -16.03 -22.72
C LYS I 52 6.21 -16.78 -21.49
N GLN I 53 7.12 -17.53 -20.87
CA GLN I 53 6.81 -18.30 -19.68
C GLN I 53 6.85 -17.45 -18.43
N GLN I 54 5.96 -17.76 -17.50
CA GLN I 54 5.87 -17.07 -16.23
C GLN I 54 5.65 -18.08 -15.12
N LEU I 55 6.66 -18.28 -14.28
CA LEU I 55 6.52 -19.16 -13.14
C LEU I 55 5.95 -18.40 -11.95
N VAL I 56 4.70 -18.70 -11.62
CA VAL I 56 3.99 -18.01 -10.56
C VAL I 56 3.79 -18.88 -9.32
N PHE I 57 4.13 -18.32 -8.16
CA PHE I 57 3.89 -18.98 -6.89
C PHE I 57 2.45 -18.80 -6.42
N LYS I 58 1.83 -19.88 -5.98
CA LYS I 58 0.43 -19.87 -5.58
C LYS I 58 0.12 -18.90 -4.45
N HIS I 59 1.07 -18.69 -3.56
CA HIS I 59 0.86 -17.79 -2.43
C HIS I 59 0.75 -16.34 -2.88
N ALA I 60 1.11 -16.09 -4.13
CA ALA I 60 1.02 -14.76 -4.70
C ALA I 60 -0.27 -14.57 -5.49
N ILE I 61 -0.90 -15.69 -5.84
CA ILE I 61 -2.12 -15.66 -6.63
C ILE I 61 -3.33 -15.43 -5.74
N SER I 62 -4.24 -14.59 -6.21
CA SER I 62 -5.46 -14.27 -5.49
C SER I 62 -6.67 -14.92 -6.13
N THR I 63 -6.81 -14.73 -7.44
CA THR I 63 -8.01 -15.17 -8.14
C THR I 63 -7.67 -15.68 -9.56
N PHE I 64 -8.41 -16.69 -10.00
CA PHE I 64 -8.38 -17.12 -11.40
C PHE I 64 -9.69 -16.75 -12.07
N SER I 65 -9.62 -15.86 -13.05
CA SER I 65 -10.82 -15.44 -13.76
C SER I 65 -10.72 -15.86 -15.22
N PRO I 66 -11.44 -16.93 -15.59
CA PRO I 66 -11.35 -17.53 -16.91
C PRO I 66 -12.33 -16.94 -17.91
N GLN I 67 -11.94 -16.88 -19.16
CA GLN I 67 -12.80 -16.38 -20.22
C GLN I 67 -14.01 -17.28 -20.39
N LYS I 68 -13.79 -18.59 -20.26
CA LYS I 68 -14.87 -19.56 -20.31
C LYS I 68 -15.05 -20.27 -18.98
N ASN I 69 -16.30 -20.45 -18.58
CA ASN I 69 -16.63 -21.19 -17.37
C ASN I 69 -16.24 -22.65 -17.51
N VAL I 70 -15.77 -23.25 -16.42
CA VAL I 70 -15.29 -24.62 -16.45
C VAL I 70 -16.36 -25.63 -16.05
N ALA I 71 -16.54 -26.65 -16.87
CA ALA I 71 -17.53 -27.68 -16.62
C ALA I 71 -17.21 -28.49 -15.38
N LEU I 72 -18.22 -28.75 -14.57
CA LEU I 72 -18.04 -29.40 -13.28
C LEU I 72 -18.35 -30.88 -13.32
N MET J 1 -17.51 -8.15 -8.72
CA MET J 1 -16.59 -8.78 -9.67
C MET J 1 -15.18 -8.28 -9.43
N LYS J 2 -15.08 -7.05 -8.95
CA LYS J 2 -13.83 -6.40 -8.57
C LYS J 2 -14.23 -5.15 -7.80
N GLN J 3 -13.34 -4.63 -6.97
CA GLN J 3 -13.73 -3.51 -6.11
C GLN J 3 -12.63 -2.58 -5.61
N GLY J 4 -12.73 -2.25 -4.32
CA GLY J 4 -11.97 -1.20 -3.70
C GLY J 4 -12.95 -0.19 -3.17
N GLY J 5 -13.82 0.26 -4.06
CA GLY J 5 -14.87 1.20 -3.71
C GLY J 5 -14.22 2.40 -3.05
N GLN J 6 -14.30 3.56 -4.18
CA GLN J 6 -14.41 3.51 -5.65
C GLN J 6 -15.72 2.89 -6.14
N GLY J 7 -16.79 3.15 -5.41
CA GLY J 7 -18.12 2.72 -5.81
C GLY J 7 -18.80 3.49 -6.93
N LEU J 8 -19.12 4.74 -6.63
CA LEU J 8 -19.84 5.62 -7.53
C LEU J 8 -18.94 6.13 -8.65
N GLN J 9 -17.65 6.30 -8.38
CA GLN J 9 -16.80 6.93 -9.37
C GLN J 9 -16.59 6.01 -10.54
N ASP J 10 -16.43 4.72 -10.27
CA ASP J 10 -16.28 3.77 -11.34
C ASP J 10 -17.61 3.58 -12.05
N TYR J 11 -18.70 3.65 -11.30
CA TYR J 11 -20.04 3.55 -11.86
C TYR J 11 -20.44 4.77 -12.69
N TYR J 12 -20.21 5.96 -12.13
CA TYR J 12 -20.62 7.21 -12.75
C TYR J 12 -19.90 7.43 -14.06
N LEU J 13 -18.60 7.23 -14.05
CA LEU J 13 -17.78 7.44 -15.22
C LEU J 13 -18.12 6.41 -16.28
N ASN J 14 -18.60 5.26 -15.84
CA ASN J 14 -19.01 4.21 -16.76
C ASN J 14 -20.31 4.59 -17.46
N GLN J 15 -21.27 5.07 -16.69
CA GLN J 15 -22.54 5.54 -17.24
C GLN J 15 -22.36 6.70 -18.19
N LEU J 16 -21.54 7.67 -17.80
CA LEU J 16 -21.20 8.80 -18.66
C LEU J 16 -20.67 8.29 -19.98
N ARG J 17 -19.95 7.17 -19.91
CA ARG J 17 -19.40 6.51 -21.06
C ARG J 17 -20.47 5.69 -21.77
N LYS J 18 -21.27 4.98 -20.98
CA LYS J 18 -22.33 4.16 -21.52
C LYS J 18 -23.46 5.01 -22.08
N GLU J 19 -23.94 5.96 -21.29
CA GLU J 19 -25.06 6.80 -21.71
C GLU J 19 -24.63 7.90 -22.66
N LYS J 20 -23.35 7.92 -23.03
CA LYS J 20 -22.79 8.92 -23.93
C LYS J 20 -23.20 10.34 -23.55
N ILE J 21 -23.32 10.58 -22.25
CA ILE J 21 -23.67 11.89 -21.74
C ILE J 21 -22.57 12.92 -21.95
N LEU J 22 -22.97 14.12 -22.32
CA LEU J 22 -22.04 15.22 -22.51
C LEU J 22 -21.81 15.87 -21.17
N ALA J 23 -20.54 16.18 -20.89
CA ALA J 23 -20.18 16.76 -19.61
C ALA J 23 -19.14 17.85 -19.78
N THR J 24 -19.20 18.83 -18.91
CA THR J 24 -18.15 19.83 -18.82
C THR J 24 -17.23 19.44 -17.69
N VAL J 25 -15.97 19.20 -18.01
CA VAL J 25 -15.00 18.82 -16.99
C VAL J 25 -14.26 20.05 -16.52
N PHE J 26 -14.48 20.44 -15.28
CA PHE J 26 -13.76 21.57 -14.73
C PHE J 26 -12.44 21.08 -14.17
N LEU J 27 -11.35 21.63 -14.68
CA LEU J 27 -10.03 21.28 -14.17
C LEU J 27 -9.72 22.17 -12.99
N THR J 28 -8.72 21.78 -12.22
CA THR J 28 -8.35 22.52 -11.02
C THR J 28 -7.80 23.91 -11.36
N ASN J 29 -7.10 24.00 -12.48
CA ASN J 29 -6.47 25.25 -12.89
C ASN J 29 -7.41 26.23 -13.58
N GLY J 30 -8.71 25.99 -13.46
CA GLY J 30 -9.69 26.91 -14.01
C GLY J 30 -10.04 26.60 -15.46
N PHE J 31 -9.12 25.94 -16.15
CA PHE J 31 -9.37 25.51 -17.51
C PHE J 31 -10.53 24.54 -17.55
N GLN J 32 -11.18 24.43 -18.70
CA GLN J 32 -12.31 23.53 -18.86
C GLN J 32 -12.24 22.70 -20.12
N LEU J 33 -12.87 21.54 -20.08
CA LEU J 33 -13.02 20.71 -21.25
C LEU J 33 -14.46 20.24 -21.30
N ARG J 34 -15.10 20.41 -22.45
CA ARG J 34 -16.46 19.92 -22.62
C ARG J 34 -16.44 18.74 -23.58
N GLY J 35 -16.90 17.59 -23.13
CA GLY J 35 -16.83 16.41 -23.98
C GLY J 35 -17.44 15.15 -23.40
N ARG J 36 -17.11 14.01 -24.02
CA ARG J 36 -17.67 12.73 -23.63
C ARG J 36 -16.59 11.75 -23.20
N VAL J 37 -16.93 10.93 -22.20
CA VAL J 37 -16.03 9.92 -21.66
C VAL J 37 -15.88 8.73 -22.58
N VAL J 38 -14.64 8.46 -23.01
CA VAL J 38 -14.39 7.29 -23.83
C VAL J 38 -14.00 6.10 -22.96
N SER J 39 -13.05 6.32 -22.05
CA SER J 39 -12.59 5.27 -21.16
C SER J 39 -11.82 5.86 -19.99
N PHE J 40 -11.55 5.03 -19.00
CA PHE J 40 -10.85 5.46 -17.80
C PHE J 40 -10.29 4.30 -17.01
N ASP J 41 -9.16 4.54 -16.37
CA ASP J 41 -8.57 3.61 -15.43
C ASP J 41 -8.40 4.45 -14.18
N ASN J 42 -7.48 4.06 -13.32
CA ASN J 42 -7.41 4.51 -11.94
C ASN J 42 -6.95 5.96 -11.80
N PHE J 43 -6.18 6.42 -12.78
CA PHE J 43 -5.50 7.71 -12.66
C PHE J 43 -5.84 8.69 -13.79
N THR J 44 -6.38 8.18 -14.89
CA THR J 44 -6.65 9.02 -16.05
C THR J 44 -8.06 8.86 -16.58
N VAL J 45 -8.51 9.89 -17.30
CA VAL J 45 -9.77 9.85 -18.01
C VAL J 45 -9.54 10.23 -19.47
N LEU J 46 -9.93 9.35 -20.38
CA LEU J 46 -9.83 9.67 -21.80
C LEU J 46 -11.09 10.36 -22.24
N LEU J 47 -10.94 11.56 -22.79
CA LEU J 47 -12.06 12.38 -23.15
C LEU J 47 -12.24 12.50 -24.65
N ASP J 48 -13.48 12.63 -25.08
CA ASP J 48 -13.81 12.97 -26.46
C ASP J 48 -14.28 14.41 -26.53
N VAL J 49 -13.40 15.31 -26.94
CA VAL J 49 -13.80 16.70 -27.10
C VAL J 49 -13.99 17.01 -28.56
N GLU J 50 -15.25 16.94 -29.00
CA GLU J 50 -15.62 17.22 -30.38
C GLU J 50 -14.72 16.48 -31.35
N GLY J 51 -14.62 15.17 -31.20
CA GLY J 51 -13.82 14.37 -32.09
C GLY J 51 -12.35 14.29 -31.69
N LYS J 52 -11.93 15.20 -30.83
CA LYS J 52 -10.54 15.25 -30.40
C LYS J 52 -10.33 14.53 -29.07
N GLN J 53 -9.28 13.73 -28.97
CA GLN J 53 -8.97 13.02 -27.74
C GLN J 53 -8.26 13.89 -26.72
N GLN J 54 -8.61 13.67 -25.46
CA GLN J 54 -8.04 14.40 -24.34
C GLN J 54 -7.77 13.46 -23.19
N LEU J 55 -6.50 13.17 -22.93
CA LEU J 55 -6.13 12.36 -21.79
C LEU J 55 -5.93 13.24 -20.57
N VAL J 56 -6.87 13.16 -19.63
CA VAL J 56 -6.85 14.00 -18.44
C VAL J 56 -6.51 13.20 -17.18
N PHE J 57 -5.57 13.70 -16.41
CA PHE J 57 -5.22 13.09 -15.12
C PHE J 57 -6.25 13.47 -14.07
N LYS J 58 -6.69 12.48 -13.29
CA LYS J 58 -7.73 12.71 -12.31
C LYS J 58 -7.37 13.75 -11.27
N HIS J 59 -6.08 13.87 -10.96
CA HIS J 59 -5.62 14.82 -9.95
C HIS J 59 -5.77 16.25 -10.42
N ALA J 60 -5.99 16.42 -11.71
CA ALA J 60 -6.18 17.72 -12.31
C ALA J 60 -7.66 18.03 -12.44
N ILE J 61 -8.48 17.00 -12.33
CA ILE J 61 -9.91 17.13 -12.47
C ILE J 61 -10.49 17.61 -11.15
N SER J 62 -11.40 18.57 -11.22
CA SER J 62 -12.02 19.12 -10.04
C SER J 62 -13.45 18.62 -9.90
N THR J 63 -14.22 18.79 -10.95
CA THR J 63 -15.65 18.46 -10.93
C THR J 63 -16.10 17.91 -12.28
N PHE J 64 -17.02 16.95 -12.25
CA PHE J 64 -17.70 16.49 -13.46
C PHE J 64 -19.13 17.01 -13.48
N SER J 65 -19.43 17.83 -14.46
CA SER J 65 -20.77 18.39 -14.60
C SER J 65 -21.39 17.89 -15.88
N PRO J 66 -22.33 16.94 -15.76
CA PRO J 66 -22.95 16.30 -16.91
C PRO J 66 -24.19 17.05 -17.36
N GLN J 67 -24.45 17.04 -18.66
CA GLN J 67 -25.63 17.69 -19.23
C GLN J 67 -26.88 16.98 -18.75
N LYS J 68 -26.80 15.65 -18.65
CA LYS J 68 -27.88 14.81 -18.16
C LYS J 68 -27.51 14.12 -16.85
N ASN J 69 -28.43 14.10 -15.90
CA ASN J 69 -28.20 13.40 -14.63
C ASN J 69 -28.12 11.90 -14.83
N VAL J 70 -27.23 11.25 -14.09
CA VAL J 70 -27.02 9.82 -14.23
C VAL J 70 -27.82 9.00 -13.22
N ALA J 71 -28.52 8.00 -13.72
CA ALA J 71 -29.32 7.13 -12.86
C ALA J 71 -28.43 6.31 -11.92
N LEU J 72 -28.86 6.19 -10.67
CA LEU J 72 -28.07 5.56 -9.62
C LEU J 72 -28.71 4.21 -9.31
N ASN J 73 -28.29 3.61 -8.21
CA ASN J 73 -28.81 2.31 -7.81
C ASN J 73 -29.50 2.24 -6.45
N PRO J 74 -30.51 1.36 -6.35
CA PRO J 74 -31.25 1.14 -5.11
C PRO J 74 -30.44 0.32 -4.11
N MET K 1 17.97 -4.88 -5.99
CA MET K 1 17.77 -4.22 -7.27
C MET K 1 16.49 -3.38 -7.19
N LYS K 2 15.82 -3.48 -6.05
CA LYS K 2 14.67 -2.66 -5.69
C LYS K 2 13.44 -2.68 -6.60
N GLN K 3 12.83 -1.51 -6.77
CA GLN K 3 11.69 -1.35 -7.65
C GLN K 3 12.01 -0.36 -8.76
N GLY K 4 11.31 -0.46 -9.90
CA GLY K 4 10.26 -1.44 -10.12
C GLY K 4 9.03 -0.83 -10.75
N GLY K 5 9.22 0.31 -11.40
CA GLY K 5 8.12 1.00 -12.04
C GLY K 5 8.42 2.39 -11.51
N GLN K 6 9.80 2.50 -11.22
CA GLN K 6 10.40 3.82 -11.09
C GLN K 6 11.72 3.61 -11.83
N GLY K 7 11.65 3.00 -13.01
CA GLY K 7 12.84 2.82 -13.83
C GLY K 7 13.40 4.12 -14.38
N LEU K 8 12.58 4.86 -15.12
CA LEU K 8 12.96 6.08 -15.81
C LEU K 8 13.45 7.21 -14.89
N GLN K 9 12.81 7.35 -13.75
CA GLN K 9 13.09 8.47 -12.85
C GLN K 9 14.33 8.22 -12.03
N ASP K 10 14.50 6.97 -11.63
CA ASP K 10 15.62 6.59 -10.80
C ASP K 10 16.90 6.69 -11.62
N TYR K 11 16.80 6.34 -12.90
CA TYR K 11 17.91 6.48 -13.82
C TYR K 11 18.25 7.92 -14.14
N TYR K 12 17.25 8.71 -14.46
CA TYR K 12 17.46 10.08 -14.92
C TYR K 12 18.08 10.99 -13.87
N LEU K 13 17.53 10.98 -12.68
CA LEU K 13 18.02 11.85 -11.62
C LEU K 13 19.42 11.45 -11.19
N ASN K 14 19.75 10.18 -11.36
CA ASN K 14 21.04 9.65 -11.00
C ASN K 14 22.11 10.14 -11.98
N GLN K 15 21.80 10.08 -13.27
CA GLN K 15 22.69 10.57 -14.30
C GLN K 15 22.98 12.05 -14.15
N LEU K 16 21.95 12.84 -13.89
CA LEU K 16 22.11 14.25 -13.60
C LEU K 16 23.05 14.46 -12.43
N ARG K 17 23.00 13.53 -11.48
CA ARG K 17 23.84 13.58 -10.30
C ARG K 17 25.25 13.11 -10.59
N LYS K 18 25.36 12.01 -11.33
CA LYS K 18 26.66 11.47 -11.67
C LYS K 18 27.42 12.37 -12.63
N GLU K 19 26.78 12.79 -13.71
CA GLU K 19 27.43 13.63 -14.71
C GLU K 19 27.51 15.09 -14.26
N LYS K 20 27.05 15.37 -13.05
CA LYS K 20 27.07 16.72 -12.45
C LYS K 20 26.58 17.80 -13.41
N ILE K 21 25.67 17.42 -14.29
CA ILE K 21 25.05 18.34 -15.24
C ILE K 21 24.08 19.31 -14.59
N LEU K 22 24.09 20.55 -15.08
CA LEU K 22 23.24 21.62 -14.59
C LEU K 22 21.85 21.51 -15.19
N ALA K 23 20.84 21.73 -14.36
CA ALA K 23 19.45 21.61 -14.76
C ALA K 23 18.63 22.73 -14.17
N THR K 24 17.57 23.12 -14.88
CA THR K 24 16.62 24.06 -14.31
C THR K 24 15.42 23.31 -13.76
N VAL K 25 15.20 23.44 -12.45
CA VAL K 25 14.07 22.81 -11.79
C VAL K 25 12.92 23.80 -11.65
N PHE K 26 11.85 23.57 -12.38
CA PHE K 26 10.66 24.40 -12.27
C PHE K 26 9.75 23.87 -11.18
N LEU K 27 9.41 24.69 -10.21
CA LEU K 27 8.48 24.26 -9.18
C LEU K 27 7.07 24.49 -9.69
N THR K 28 6.11 23.85 -9.04
CA THR K 28 4.72 23.93 -9.45
C THR K 28 4.15 25.34 -9.30
N ASN K 29 4.62 26.08 -8.30
CA ASN K 29 4.14 27.43 -8.06
C ASN K 29 4.77 28.48 -8.95
N GLY K 30 5.41 28.05 -10.03
CA GLY K 30 5.98 28.99 -10.98
C GLY K 30 7.42 29.37 -10.67
N PHE K 31 7.80 29.22 -9.41
CA PHE K 31 9.17 29.46 -8.97
C PHE K 31 10.17 28.58 -9.70
N GLN K 32 11.42 29.00 -9.76
CA GLN K 32 12.47 28.24 -10.43
C GLN K 32 13.73 28.12 -9.61
N LEU K 33 14.46 27.03 -9.85
CA LEU K 33 15.75 26.84 -9.23
C LEU K 33 16.73 26.30 -10.26
N ARG K 34 17.88 26.93 -10.39
CA ARG K 34 18.95 26.39 -11.22
C ARG K 34 20.04 25.90 -10.31
N GLY K 35 20.40 24.64 -10.46
CA GLY K 35 21.39 24.04 -9.59
C GLY K 35 21.74 22.65 -10.03
N ARG K 36 22.39 21.92 -9.15
CA ARG K 36 22.86 20.59 -9.47
C ARG K 36 22.24 19.56 -8.57
N VAL K 37 21.96 18.39 -9.13
CA VAL K 37 21.40 17.31 -8.35
C VAL K 37 22.51 16.72 -7.51
N VAL K 38 22.37 16.81 -6.19
CA VAL K 38 23.34 16.23 -5.28
C VAL K 38 22.90 14.84 -4.87
N SER K 39 21.63 14.73 -4.49
CA SER K 39 21.08 13.46 -4.03
C SER K 39 19.57 13.46 -4.08
N PHE K 40 18.98 12.28 -3.94
CA PHE K 40 17.53 12.14 -3.96
C PHE K 40 17.08 10.79 -3.41
N ASP K 41 15.94 10.79 -2.74
CA ASP K 41 15.28 9.55 -2.32
C ASP K 41 13.88 9.73 -2.89
N ASN K 42 12.90 9.01 -2.33
CA ASN K 42 11.61 8.80 -2.96
C ASN K 42 10.78 10.07 -2.99
N PHE K 43 11.04 10.98 -2.06
CA PHE K 43 10.18 12.12 -1.88
C PHE K 43 10.91 13.46 -1.99
N THR K 44 12.23 13.44 -1.88
CA THR K 44 13.00 14.67 -1.92
C THR K 44 14.17 14.64 -2.88
N VAL K 45 14.61 15.83 -3.29
CA VAL K 45 15.82 16.01 -4.07
C VAL K 45 16.70 17.04 -3.40
N LEU K 46 17.94 16.70 -3.10
CA LEU K 46 18.87 17.68 -2.54
C LEU K 46 19.55 18.39 -3.68
N LEU K 47 19.41 19.71 -3.71
CA LEU K 47 19.92 20.49 -4.82
C LEU K 47 21.10 21.34 -4.40
N ASP K 48 22.02 21.57 -5.34
CA ASP K 48 23.11 22.50 -5.13
C ASP K 48 22.91 23.78 -5.93
N VAL K 49 22.45 24.83 -5.26
CA VAL K 49 22.27 26.12 -5.91
C VAL K 49 23.41 27.03 -5.52
N GLU K 50 24.40 27.14 -6.41
CA GLU K 50 25.59 27.94 -6.18
C GLU K 50 26.23 27.63 -4.84
N GLY K 51 26.50 26.35 -4.59
CA GLY K 51 27.18 25.97 -3.37
C GLY K 51 26.25 25.83 -2.18
N LYS K 52 25.06 26.39 -2.29
CA LYS K 52 24.11 26.36 -1.19
C LYS K 52 23.13 25.21 -1.41
N GLN K 53 22.84 24.48 -0.34
CA GLN K 53 21.94 23.33 -0.40
C GLN K 53 20.47 23.72 -0.45
N GLN K 54 19.70 22.94 -1.21
CA GLN K 54 18.28 23.15 -1.37
C GLN K 54 17.56 21.82 -1.33
N LEU K 55 16.84 21.56 -0.24
CA LEU K 55 16.06 20.34 -0.14
C LEU K 55 14.67 20.56 -0.74
N VAL K 56 14.43 19.96 -1.89
CA VAL K 56 13.18 20.15 -2.61
C VAL K 56 12.28 18.90 -2.59
N PHE K 57 11.02 19.08 -2.23
CA PHE K 57 10.07 17.98 -2.27
C PHE K 57 9.55 17.74 -3.69
N LYS K 58 9.51 16.48 -4.09
CA LYS K 58 9.12 16.12 -5.44
C LYS K 58 7.72 16.55 -5.82
N HIS K 59 6.82 16.63 -4.85
CA HIS K 59 5.45 17.01 -5.13
C HIS K 59 5.36 18.47 -5.52
N ALA K 60 6.43 19.21 -5.26
CA ALA K 60 6.51 20.62 -5.60
C ALA K 60 7.21 20.82 -6.91
N ILE K 61 7.92 19.79 -7.36
CA ILE K 61 8.68 19.87 -8.59
C ILE K 61 7.76 19.58 -9.76
N SER K 62 7.89 20.36 -10.82
CA SER K 62 7.07 20.20 -12.01
C SER K 62 7.85 19.59 -13.16
N THR K 63 9.01 20.18 -13.46
CA THR K 63 9.77 19.79 -14.63
C THR K 63 11.28 19.88 -14.35
N PHE K 64 12.04 18.95 -14.92
CA PHE K 64 13.50 19.03 -14.92
C PHE K 64 14.03 19.37 -16.30
N SER K 65 14.66 20.53 -16.44
CA SER K 65 15.20 20.96 -17.72
C SER K 65 16.71 21.09 -17.65
N PRO K 66 17.42 20.10 -18.22
CA PRO K 66 18.87 20.00 -18.18
C PRO K 66 19.55 20.69 -19.35
N GLN K 67 20.73 21.24 -19.13
CA GLN K 67 21.51 21.86 -20.19
C GLN K 67 21.91 20.84 -21.24
N LYS K 68 22.26 19.65 -20.78
CA LYS K 68 22.63 18.57 -21.68
C LYS K 68 21.58 17.49 -21.66
N ASN K 69 21.23 16.98 -22.83
CA ASN K 69 20.32 15.85 -22.89
C ASN K 69 20.99 14.66 -22.25
N VAL K 70 20.21 13.85 -21.54
CA VAL K 70 20.79 12.73 -20.83
C VAL K 70 20.69 11.49 -21.69
N ALA K 71 21.82 10.81 -21.86
CA ALA K 71 21.86 9.61 -22.66
C ALA K 71 21.06 8.50 -22.01
N LEU K 72 20.28 7.80 -22.81
CA LEU K 72 19.40 6.76 -22.30
C LEU K 72 19.95 5.43 -22.79
N ASN K 73 19.20 4.37 -22.55
CA ASN K 73 19.61 3.03 -22.95
C ASN K 73 18.72 2.27 -23.91
N MET L 1 4.73 -9.86 -19.19
CA MET L 1 3.65 -8.98 -18.76
C MET L 1 3.43 -9.05 -17.27
N LYS L 2 3.14 -7.90 -16.69
CA LYS L 2 2.83 -7.69 -15.27
C LYS L 2 2.29 -6.26 -15.28
N GLN L 3 1.24 -5.99 -14.52
CA GLN L 3 0.57 -4.70 -14.65
C GLN L 3 0.13 -4.07 -13.34
N GLY L 4 -1.18 -3.95 -13.14
CA GLY L 4 -1.74 -2.88 -12.33
C GLY L 4 -3.19 -2.65 -12.67
N GLY L 5 -3.71 -1.49 -12.32
CA GLY L 5 -5.05 -1.10 -12.72
C GLY L 5 -4.97 0.27 -13.37
N GLN L 6 -3.80 0.60 -13.90
CA GLN L 6 -3.57 1.69 -14.85
C GLN L 6 -3.34 1.24 -16.30
N GLY L 7 -4.28 0.45 -16.82
CA GLY L 7 -4.21 -0.01 -18.19
C GLY L 7 -4.27 1.09 -19.24
N LEU L 8 -5.31 1.92 -19.17
CA LEU L 8 -5.57 2.95 -20.16
C LEU L 8 -4.44 3.96 -20.36
N GLN L 9 -3.78 4.39 -19.29
CA GLN L 9 -2.77 5.43 -19.40
C GLN L 9 -1.43 4.87 -19.86
N ASP L 10 -1.11 3.66 -19.42
CA ASP L 10 0.15 3.03 -19.78
C ASP L 10 0.16 2.69 -21.26
N TYR L 11 -0.99 2.27 -21.77
CA TYR L 11 -1.14 1.97 -23.18
C TYR L 11 -1.07 3.24 -24.02
N TYR L 12 -1.80 4.26 -23.58
CA TYR L 12 -1.89 5.52 -24.31
C TYR L 12 -0.54 6.20 -24.40
N LEU L 13 0.17 6.26 -23.29
CA LEU L 13 1.47 6.90 -23.27
C LEU L 13 2.49 6.13 -24.09
N ASN L 14 2.31 4.82 -24.18
CA ASN L 14 3.21 3.99 -24.96
C ASN L 14 2.97 4.18 -26.45
N GLN L 15 1.71 4.20 -26.84
CA GLN L 15 1.33 4.42 -28.22
C GLN L 15 1.82 5.78 -28.73
N LEU L 16 1.67 6.81 -27.91
CA LEU L 16 2.22 8.13 -28.21
C LEU L 16 3.73 8.05 -28.41
N ARG L 17 4.36 7.18 -27.65
CA ARG L 17 5.80 7.01 -27.71
C ARG L 17 6.25 6.20 -28.91
N LYS L 18 5.54 5.10 -29.17
CA LYS L 18 5.88 4.23 -30.29
C LYS L 18 5.64 4.89 -31.63
N GLU L 19 4.42 5.41 -31.80
CA GLU L 19 4.04 6.03 -33.07
C GLU L 19 4.54 7.46 -33.22
N LYS L 20 5.36 7.91 -32.27
CA LYS L 20 5.97 9.24 -32.30
C LYS L 20 5.00 10.38 -32.57
N ILE L 21 3.80 10.26 -32.03
CA ILE L 21 2.79 11.30 -32.14
C ILE L 21 3.21 12.55 -31.37
N LEU L 22 2.97 13.71 -31.96
CA LEU L 22 3.31 14.98 -31.33
C LEU L 22 2.15 15.37 -30.42
N ALA L 23 2.45 15.86 -29.23
CA ALA L 23 1.40 16.18 -28.28
C ALA L 23 1.65 17.47 -27.53
N THR L 24 0.57 18.15 -27.18
CA THR L 24 0.66 19.31 -26.31
C THR L 24 0.32 18.88 -24.90
N VAL L 25 1.28 19.02 -24.00
CA VAL L 25 1.09 18.67 -22.60
C VAL L 25 0.76 19.91 -21.77
N PHE L 26 -0.46 19.99 -21.27
CA PHE L 26 -0.82 21.09 -20.39
C PHE L 26 -0.47 20.75 -18.97
N LEU L 27 0.35 21.60 -18.35
CA LEU L 27 0.71 21.41 -16.95
C LEU L 27 -0.33 22.05 -16.06
N THR L 28 -0.30 21.69 -14.78
CA THR L 28 -1.24 22.21 -13.81
C THR L 28 -1.05 23.71 -13.59
N ASN L 29 0.20 24.18 -13.66
CA ASN L 29 0.48 25.58 -13.44
C ASN L 29 0.22 26.47 -14.65
N GLY L 30 -0.49 25.94 -15.63
CA GLY L 30 -0.87 26.71 -16.80
C GLY L 30 0.14 26.68 -17.91
N PHE L 31 1.41 26.45 -17.56
CA PHE L 31 2.44 26.31 -18.56
C PHE L 31 2.12 25.11 -19.44
N GLN L 32 2.62 25.11 -20.67
CA GLN L 32 2.37 24.00 -21.57
C GLN L 32 3.64 23.60 -22.30
N LEU L 33 3.68 22.35 -22.74
CA LEU L 33 4.80 21.82 -23.51
C LEU L 33 4.30 21.09 -24.73
N ARG L 34 4.90 21.41 -25.87
CA ARG L 34 4.63 20.72 -27.11
C ARG L 34 5.83 19.85 -27.46
N GLY L 35 5.60 18.55 -27.57
CA GLY L 35 6.70 17.64 -27.84
C GLY L 35 6.27 16.20 -27.98
N ARG L 36 7.24 15.30 -27.94
CA ARG L 36 6.99 13.88 -28.11
C ARG L 36 7.45 13.07 -26.90
N VAL L 37 6.69 12.02 -26.61
CA VAL L 37 6.97 11.14 -25.49
C VAL L 37 8.17 10.25 -25.80
N VAL L 38 9.21 10.36 -24.98
CA VAL L 38 10.41 9.55 -25.10
C VAL L 38 10.30 8.29 -24.25
N SER L 39 9.89 8.47 -23.00
CA SER L 39 9.78 7.38 -22.05
C SER L 39 8.91 7.78 -20.86
N PHE L 40 8.53 6.80 -20.05
CA PHE L 40 7.71 7.05 -18.88
C PHE L 40 7.72 5.88 -17.91
N ASP L 41 7.69 6.18 -16.63
CA ASP L 41 7.51 5.17 -15.61
C ASP L 41 6.24 5.54 -14.86
N ASN L 42 6.14 5.17 -13.59
CA ASN L 42 4.94 5.46 -12.82
C ASN L 42 4.73 6.90 -12.44
N PHE L 43 5.82 7.65 -12.32
CA PHE L 43 5.78 8.97 -11.72
C PHE L 43 6.26 10.11 -12.62
N THR L 44 7.02 9.79 -13.66
CA THR L 44 7.56 10.83 -14.52
C THR L 44 7.33 10.52 -15.99
N VAL L 45 7.34 11.56 -16.81
CA VAL L 45 7.30 11.41 -18.26
C VAL L 45 8.43 12.21 -18.88
N LEU L 46 9.27 11.54 -19.66
CA LEU L 46 10.34 12.22 -20.38
C LEU L 46 9.87 12.70 -21.73
N LEU L 47 9.98 14.00 -21.96
CA LEU L 47 9.51 14.60 -23.21
C LEU L 47 10.65 15.06 -24.09
N ASP L 48 10.42 15.01 -25.39
CA ASP L 48 11.33 15.59 -26.35
C ASP L 48 10.73 16.87 -26.87
N VAL L 49 11.17 17.99 -26.32
CA VAL L 49 10.71 19.29 -26.74
C VAL L 49 11.75 19.99 -27.60
N GLU L 50 11.54 19.95 -28.91
CA GLU L 50 12.44 20.57 -29.88
C GLU L 50 13.88 20.16 -29.66
N GLY L 51 14.13 18.85 -29.61
CA GLY L 51 15.48 18.34 -29.46
C GLY L 51 15.94 18.30 -28.01
N LYS L 52 15.26 19.04 -27.16
CA LYS L 52 15.63 19.13 -25.75
C LYS L 52 14.84 18.19 -24.85
N GLN L 53 15.54 17.54 -23.92
CA GLN L 53 14.89 16.64 -22.99
C GLN L 53 14.24 17.41 -21.87
N GLN L 54 13.07 16.93 -21.44
CA GLN L 54 12.32 17.55 -20.36
C GLN L 54 11.72 16.47 -19.48
N LEU L 55 12.24 16.33 -18.26
CA LEU L 55 11.67 15.36 -17.33
C LEU L 55 10.52 16.00 -16.56
N VAL L 56 9.30 15.58 -16.88
CA VAL L 56 8.11 16.14 -16.26
C VAL L 56 7.46 15.14 -15.32
N PHE L 57 7.15 15.61 -14.11
CA PHE L 57 6.45 14.78 -13.14
C PHE L 57 4.96 14.72 -13.43
N LYS L 58 4.40 13.51 -13.37
CA LYS L 58 2.99 13.31 -13.70
C LYS L 58 2.04 14.13 -12.85
N HIS L 59 2.42 14.40 -11.61
CA HIS L 59 1.58 15.17 -10.71
C HIS L 59 1.49 16.63 -11.13
N ALA L 60 2.35 17.03 -12.04
CA ALA L 60 2.34 18.38 -12.57
C ALA L 60 1.57 18.44 -13.87
N ILE L 61 1.35 17.28 -14.48
CA ILE L 61 0.68 17.19 -15.75
C ILE L 61 -0.83 17.17 -15.56
N SER L 62 -1.54 17.91 -16.40
CA SER L 62 -2.98 18.00 -16.33
C SER L 62 -3.65 17.25 -17.46
N THR L 63 -3.22 17.51 -18.69
CA THR L 63 -3.87 16.96 -19.87
C THR L 63 -2.86 16.59 -20.96
N PHE L 64 -3.15 15.52 -21.69
CA PHE L 64 -2.39 15.16 -22.87
C PHE L 64 -3.22 15.41 -24.12
N SER L 65 -2.78 16.35 -24.96
CA SER L 65 -3.51 16.66 -26.19
C SER L 65 -2.68 16.34 -27.42
N PRO L 66 -3.01 15.24 -28.11
CA PRO L 66 -2.25 14.72 -29.24
C PRO L 66 -2.73 15.25 -30.60
N GLN L 67 -1.79 15.40 -31.53
CA GLN L 67 -2.14 15.86 -32.88
C GLN L 67 -3.01 14.85 -33.61
N LYS L 68 -2.68 13.58 -33.45
CA LYS L 68 -3.45 12.52 -34.07
C LYS L 68 -4.07 11.67 -32.98
N ASN L 69 -5.33 11.29 -33.15
CA ASN L 69 -5.99 10.43 -32.19
C ASN L 69 -5.33 9.07 -32.11
N VAL L 70 -5.29 8.52 -30.90
CA VAL L 70 -4.60 7.27 -30.64
C VAL L 70 -5.53 6.07 -30.70
N ALA L 71 -5.10 5.04 -31.40
CA ALA L 71 -5.85 3.81 -31.52
C ALA L 71 -6.00 3.20 -30.14
N LEU L 72 -7.17 2.67 -29.86
CA LEU L 72 -7.49 2.22 -28.50
C LEU L 72 -7.36 0.71 -28.49
N ASN L 73 -7.80 0.06 -27.42
CA ASN L 73 -7.60 -1.36 -27.31
C ASN L 73 -8.77 -2.34 -27.29
N PRO L 74 -8.56 -3.55 -27.84
CA PRO L 74 -9.55 -4.62 -27.83
C PRO L 74 -9.61 -5.29 -26.45
#